data_6JCA
#
_entry.id   6JCA
#
_cell.length_a   115.090
_cell.length_b   125.220
_cell.length_c   155.380
_cell.angle_alpha   90.000
_cell.angle_beta   90.000
_cell.angle_gamma   90.000
#
_symmetry.space_group_name_H-M   'I 2 2 2'
#
loop_
_entity.id
_entity.type
_entity.pdbx_description
1 polymer CrmG
2 non-polymer GLYCEROL
3 non-polymer 'CHLORIDE ION'
4 non-polymer 'SULFATE ION'
5 water water
#
_entity_poly.entity_id   1
_entity_poly.type   'polypeptide(L)'
_entity_poly.pdbx_seq_one_letter_code
;MTHPSGEPVYADAVLNGWLTSMGLGVEYVRAEGNTVYYLDDEGREVPVLDHACGFGSLIFGHNHPEIIAHAKAALDAGTV
VHAQLSRQPRANQISRILNDIMRRETGRDDRYNAIFANSGAEANEICMKHAELERQERITALFAEIDAELDTAREALTTG
TATLDTASLPLVGGGAGDVDGVIADIHRHNDERRAERPLFLTLDGSFHGKLVGSIQLTQNEPWRTPFTALSSPARFLPAD
EPELIGKIVEDERRSVLTLSLDKDTVRVVERDFPVVAAIFVEPVRGGSGMKTVTPELAEELHRLRDTLGCPLVVDEVQTG
IGRTGAFFGSALLGIRGDYYTLAKAIGGGIVKNSVALIRQDRFLPAMEVIHSSTFAKDGLSASIALKVLEMVEADGGRVY
QRVRERGQRLEAMLESVRADHSDVVSAVWGTGLMLALELRDQSNATSQAIREKAAHGFLGYVLAGFLLREHHIRVLPAGP
RSGFLRFSPSLYITDEEIDRTETALRSLFTALRDQDGDRLVLS
;
_entity_poly.pdbx_strand_id   A,B
#
loop_
_chem_comp.id
_chem_comp.type
_chem_comp.name
_chem_comp.formula
CL non-polymer 'CHLORIDE ION' 'Cl -1'
GOL non-polymer GLYCEROL 'C3 H8 O3'
SO4 non-polymer 'SULFATE ION' 'O4 S -2'
#
# COMPACT_ATOMS: atom_id res chain seq x y z
N GLY A 6 -26.11 -4.41 -23.64
CA GLY A 6 -25.41 -5.43 -22.80
C GLY A 6 -24.19 -6.03 -23.47
N GLU A 7 -23.38 -5.22 -24.16
CA GLU A 7 -22.14 -5.68 -24.84
C GLU A 7 -21.08 -5.96 -23.77
N PRO A 8 -20.10 -6.86 -24.01
CA PRO A 8 -19.00 -7.06 -23.06
C PRO A 8 -18.25 -5.75 -22.74
N VAL A 9 -18.06 -5.49 -21.45
CA VAL A 9 -17.22 -4.40 -20.88
C VAL A 9 -16.16 -5.07 -20.01
N TYR A 10 -14.96 -4.50 -19.93
CA TYR A 10 -13.80 -5.12 -19.23
C TYR A 10 -13.30 -4.19 -18.10
N ALA A 11 -13.78 -2.96 -18.04
CA ALA A 11 -13.50 -1.99 -16.96
C ALA A 11 -14.44 -0.79 -17.06
N ASP A 12 -14.75 -0.18 -15.91
CA ASP A 12 -15.34 1.19 -15.79
C ASP A 12 -16.79 1.29 -16.29
N ALA A 13 -17.56 0.21 -16.49
CA ALA A 13 -18.97 0.35 -16.96
C ALA A 13 -19.77 1.16 -15.94
N VAL A 14 -19.66 0.86 -14.65
CA VAL A 14 -20.45 1.56 -13.59
C VAL A 14 -19.89 2.96 -13.40
N LEU A 15 -18.58 3.11 -13.34
CA LEU A 15 -17.92 4.45 -13.25
C LEU A 15 -18.41 5.34 -14.40
N ASN A 16 -18.34 4.85 -15.64
CA ASN A 16 -18.61 5.65 -16.87
C ASN A 16 -20.10 6.02 -16.90
N GLY A 17 -20.99 5.09 -16.56
CA GLY A 17 -22.44 5.36 -16.47
C GLY A 17 -22.74 6.42 -15.44
N TRP A 18 -22.12 6.34 -14.26
CA TRP A 18 -22.34 7.34 -13.19
C TRP A 18 -21.79 8.70 -13.67
N LEU A 19 -20.59 8.74 -14.24
CA LEU A 19 -19.99 10.00 -14.76
C LEU A 19 -20.94 10.64 -15.79
N THR A 20 -21.54 9.82 -16.66
CA THR A 20 -22.43 10.30 -17.76
C THR A 20 -23.64 10.99 -17.13
N SER A 21 -24.26 10.35 -16.13
CA SER A 21 -25.45 10.89 -15.43
C SER A 21 -25.11 12.19 -14.68
N MET A 22 -23.87 12.40 -14.25
CA MET A 22 -23.44 13.63 -13.51
C MET A 22 -23.11 14.75 -14.52
N GLY A 23 -23.02 14.43 -15.81
CA GLY A 23 -22.58 15.38 -16.85
C GLY A 23 -21.05 15.44 -16.96
N LEU A 24 -20.33 14.38 -16.55
CA LEU A 24 -18.84 14.40 -16.52
C LEU A 24 -18.26 13.32 -17.44
N GLY A 25 -19.11 12.75 -18.31
CA GLY A 25 -18.71 11.72 -19.27
C GLY A 25 -18.02 12.36 -20.46
N VAL A 26 -16.74 12.71 -20.31
CA VAL A 26 -15.90 13.28 -21.40
C VAL A 26 -14.58 12.49 -21.42
N GLU A 27 -13.92 12.40 -22.58
CA GLU A 27 -12.56 11.81 -22.70
C GLU A 27 -11.59 12.94 -23.05
N TYR A 28 -10.61 13.23 -22.19
CA TYR A 28 -9.55 14.20 -22.48
C TYR A 28 -8.43 13.46 -23.24
N VAL A 29 -8.01 14.04 -24.38
CA VAL A 29 -7.11 13.38 -25.35
C VAL A 29 -5.72 14.02 -25.31
N ARG A 30 -5.60 15.18 -24.70
CA ARG A 30 -4.34 15.95 -24.65
C ARG A 30 -4.45 16.95 -23.50
N ALA A 31 -3.33 17.37 -22.96
CA ALA A 31 -3.25 18.33 -21.85
C ALA A 31 -1.94 19.11 -21.95
N GLU A 32 -1.98 20.38 -21.58
CA GLU A 32 -0.80 21.27 -21.51
C GLU A 32 -1.18 22.43 -20.61
N GLY A 33 -0.30 22.75 -19.67
CA GLY A 33 -0.52 23.78 -18.65
C GLY A 33 -1.81 23.52 -17.90
N ASN A 34 -2.70 24.50 -17.89
CA ASN A 34 -3.94 24.46 -17.07
C ASN A 34 -5.10 23.96 -17.94
N THR A 35 -4.82 23.43 -19.12
CA THR A 35 -5.85 23.07 -20.13
C THR A 35 -5.77 21.58 -20.44
N VAL A 36 -6.93 20.94 -20.43
CA VAL A 36 -7.17 19.57 -20.94
C VAL A 36 -8.12 19.74 -22.13
N TYR A 37 -7.97 18.92 -23.16
CA TYR A 37 -8.74 19.00 -24.43
C TYR A 37 -9.56 17.73 -24.64
N TYR A 38 -10.82 17.89 -25.04
CA TYR A 38 -11.66 16.77 -25.55
C TYR A 38 -12.01 17.09 -27.02
N LEU A 39 -12.56 16.10 -27.70
CA LEU A 39 -12.88 16.17 -29.14
C LEU A 39 -14.39 16.39 -29.26
N ASP A 40 -14.82 17.45 -29.96
CA ASP A 40 -16.25 17.66 -30.31
C ASP A 40 -16.68 16.60 -31.33
N ASP A 41 -17.95 16.63 -31.75
CA ASP A 41 -18.55 15.62 -32.69
C ASP A 41 -17.88 15.75 -34.07
N GLU A 42 -17.27 16.90 -34.38
CA GLU A 42 -16.47 17.13 -35.60
C GLU A 42 -15.01 16.69 -35.40
N GLY A 43 -14.61 16.28 -34.19
CA GLY A 43 -13.22 15.86 -33.87
C GLY A 43 -12.26 17.04 -33.75
N ARG A 44 -12.74 18.25 -33.47
CA ARG A 44 -11.87 19.40 -33.11
C ARG A 44 -11.56 19.33 -31.60
N GLU A 45 -10.35 19.69 -31.21
CA GLU A 45 -9.94 19.84 -29.80
C GLU A 45 -10.69 21.00 -29.16
N VAL A 46 -11.45 20.75 -28.09
CA VAL A 46 -12.13 21.79 -27.26
C VAL A 46 -11.33 21.99 -25.98
N PRO A 47 -10.78 23.19 -25.71
CA PRO A 47 -10.00 23.43 -24.49
C PRO A 47 -10.92 23.52 -23.26
N VAL A 48 -10.51 22.89 -22.16
CA VAL A 48 -11.23 22.91 -20.86
C VAL A 48 -10.22 23.35 -19.78
N LEU A 49 -10.59 24.33 -18.97
CA LEU A 49 -9.71 24.83 -17.87
C LEU A 49 -9.81 23.85 -16.69
N ASP A 50 -8.66 23.35 -16.23
CA ASP A 50 -8.56 22.30 -15.19
C ASP A 50 -8.22 22.94 -13.83
N HIS A 51 -9.23 23.02 -12.97
CA HIS A 51 -9.14 23.41 -11.54
C HIS A 51 -8.97 22.18 -10.63
N ALA A 52 -9.00 20.96 -11.17
CA ALA A 52 -8.75 19.72 -10.38
C ALA A 52 -7.25 19.44 -10.37
N CYS A 53 -6.63 19.39 -11.55
CA CYS A 53 -5.17 19.31 -11.74
C CYS A 53 -4.59 18.14 -10.92
N GLY A 54 -5.14 16.94 -11.15
CA GLY A 54 -4.76 15.71 -10.44
C GLY A 54 -4.87 15.89 -8.94
N PHE A 55 -5.99 16.45 -8.49
CA PHE A 55 -6.32 16.79 -7.09
C PHE A 55 -5.16 17.57 -6.46
N GLY A 56 -4.59 18.53 -7.21
CA GLY A 56 -3.54 19.43 -6.72
C GLY A 56 -2.12 18.93 -6.96
N SER A 57 -1.95 17.78 -7.63
CA SER A 57 -0.60 17.26 -8.03
C SER A 57 0.10 18.23 -8.99
N LEU A 58 -0.65 18.88 -9.89
CA LEU A 58 -0.04 19.61 -11.03
C LEU A 58 0.19 21.08 -10.65
N ILE A 59 1.03 21.35 -9.66
CA ILE A 59 1.40 22.73 -9.26
C ILE A 59 2.08 23.43 -10.45
N PHE A 60 2.79 22.71 -11.32
CA PHE A 60 3.42 23.22 -12.57
C PHE A 60 2.53 22.94 -13.79
N GLY A 61 1.32 22.42 -13.58
CA GLY A 61 0.37 22.10 -14.66
C GLY A 61 0.66 20.78 -15.34
N HIS A 62 -0.17 20.45 -16.33
CA HIS A 62 -0.02 19.24 -17.17
C HIS A 62 1.24 19.36 -18.04
N ASN A 63 2.10 18.35 -18.01
CA ASN A 63 3.15 18.14 -19.02
C ASN A 63 4.01 19.41 -19.15
N HIS A 64 4.53 19.95 -18.05
CA HIS A 64 5.43 21.12 -18.06
C HIS A 64 6.60 20.83 -18.98
N PRO A 65 6.90 21.72 -19.96
CA PRO A 65 7.99 21.53 -20.91
C PRO A 65 9.34 21.15 -20.29
N GLU A 66 9.71 21.73 -19.15
CA GLU A 66 10.99 21.47 -18.44
C GLU A 66 10.99 20.04 -17.88
N ILE A 67 9.87 19.60 -17.31
CA ILE A 67 9.70 18.25 -16.72
C ILE A 67 9.72 17.23 -17.86
N ILE A 68 9.00 17.50 -18.95
CA ILE A 68 8.95 16.62 -20.15
C ILE A 68 10.35 16.48 -20.75
N ALA A 69 11.06 17.59 -20.94
CA ALA A 69 12.44 17.61 -21.50
C ALA A 69 13.37 16.86 -20.55
N HIS A 70 13.25 17.06 -19.24
CA HIS A 70 14.07 16.33 -18.23
C HIS A 70 13.78 14.82 -18.30
N ALA A 71 12.51 14.42 -18.40
CA ALA A 71 12.14 12.97 -18.41
C ALA A 71 12.72 12.30 -19.67
N LYS A 72 12.61 12.96 -20.82
CA LYS A 72 13.20 12.45 -22.10
C LYS A 72 14.74 12.40 -22.03
N ALA A 73 15.39 13.40 -21.45
CA ALA A 73 16.86 13.39 -21.25
C ALA A 73 17.23 12.19 -20.35
N ALA A 74 16.47 11.95 -19.28
CA ALA A 74 16.71 10.82 -18.35
C ALA A 74 16.60 9.48 -19.10
N LEU A 75 15.57 9.31 -19.92
CA LEU A 75 15.37 8.06 -20.69
C LEU A 75 16.51 7.95 -21.71
N ASP A 76 16.89 9.07 -22.36
CA ASP A 76 17.95 9.06 -23.42
C ASP A 76 19.31 8.71 -22.81
N ALA A 77 19.55 9.06 -21.54
CA ALA A 77 20.80 8.76 -20.79
C ALA A 77 20.90 7.29 -20.39
N GLY A 78 19.86 6.48 -20.59
CA GLY A 78 19.86 5.09 -20.09
C GLY A 78 19.93 5.03 -18.57
N THR A 79 19.21 5.95 -17.89
CA THR A 79 19.04 5.95 -16.42
C THR A 79 18.70 4.55 -15.94
N VAL A 80 19.32 4.11 -14.84
CA VAL A 80 19.02 2.79 -14.24
C VAL A 80 17.75 2.93 -13.40
N VAL A 81 16.64 2.41 -13.92
CA VAL A 81 15.32 2.54 -13.25
C VAL A 81 15.30 1.50 -12.15
N HIS A 82 15.70 0.27 -12.49
CA HIS A 82 15.76 -0.88 -11.58
C HIS A 82 17.20 -1.19 -11.18
N ALA A 83 17.63 -0.66 -10.04
CA ALA A 83 18.98 -0.88 -9.44
C ALA A 83 18.83 -1.34 -7.98
N GLN A 84 17.88 -2.22 -7.70
CA GLN A 84 17.56 -2.60 -6.30
C GLN A 84 18.82 -3.19 -5.66
N LEU A 85 19.03 -2.91 -4.37
CA LEU A 85 20.17 -3.43 -3.56
C LEU A 85 21.49 -3.07 -4.24
N SER A 86 21.61 -1.79 -4.59
CA SER A 86 22.86 -1.14 -5.02
C SER A 86 22.85 0.29 -4.48
N ARG A 87 23.96 1.01 -4.61
CA ARG A 87 24.07 2.41 -4.13
C ARG A 87 23.28 3.30 -5.09
N GLN A 88 22.32 4.04 -4.56
CA GLN A 88 21.52 5.02 -5.31
C GLN A 88 21.66 6.37 -4.59
N PRO A 89 22.73 7.16 -4.84
CA PRO A 89 22.98 8.41 -4.11
C PRO A 89 21.87 9.47 -4.22
N ARG A 90 21.04 9.36 -5.25
CA ARG A 90 19.96 10.33 -5.49
C ARG A 90 18.95 10.34 -4.36
N ALA A 91 18.75 9.21 -3.66
CA ALA A 91 17.84 9.15 -2.50
C ALA A 91 18.35 10.11 -1.42
N ASN A 92 19.64 9.99 -1.08
CA ASN A 92 20.29 10.89 -0.09
C ASN A 92 20.27 12.33 -0.60
N GLN A 93 20.49 12.58 -1.89
CA GLN A 93 20.46 13.98 -2.43
C GLN A 93 19.06 14.56 -2.25
N ILE A 94 18.03 13.78 -2.61
CA ILE A 94 16.62 14.25 -2.46
C ILE A 94 16.38 14.58 -0.99
N SER A 95 16.74 13.66 -0.09
CA SER A 95 16.46 13.83 1.36
C SER A 95 17.20 15.07 1.90
N ARG A 96 18.43 15.30 1.44
CA ARG A 96 19.24 16.49 1.86
C ARG A 96 18.47 17.79 1.54
N ILE A 97 17.93 17.91 0.32
CA ILE A 97 17.14 19.08 -0.14
C ILE A 97 15.90 19.26 0.75
N LEU A 98 15.12 18.19 0.95
CA LEU A 98 13.89 18.25 1.78
C LEU A 98 14.30 18.69 3.19
N ASN A 99 15.39 18.14 3.73
CA ASN A 99 15.92 18.55 5.06
C ASN A 99 16.23 20.06 5.06
N ASP A 100 16.91 20.59 4.04
CA ASP A 100 17.34 22.01 3.96
C ASP A 100 16.10 22.88 3.85
N ILE A 101 15.12 22.48 3.02
CA ILE A 101 13.87 23.24 2.85
C ILE A 101 13.14 23.29 4.21
N MET A 102 13.02 22.16 4.91
CA MET A 102 12.25 22.19 6.19
C MET A 102 12.99 23.06 7.22
N ARG A 103 14.32 23.00 7.23
CA ARG A 103 15.15 23.81 8.16
C ARG A 103 14.83 25.29 7.92
N ARG A 104 14.82 25.72 6.66
CA ARG A 104 14.50 27.11 6.29
C ARG A 104 13.07 27.47 6.70
N GLU A 105 12.10 26.61 6.44
CA GLU A 105 10.67 26.97 6.64
C GLU A 105 10.28 26.89 8.12
N THR A 106 10.91 26.04 8.92
CA THR A 106 10.56 25.89 10.35
C THR A 106 11.53 26.69 11.22
N GLY A 107 12.74 26.94 10.73
CA GLY A 107 13.85 27.51 11.51
C GLY A 107 14.43 26.52 12.51
N ARG A 108 14.11 25.22 12.40
CA ARG A 108 14.61 24.17 13.32
C ARG A 108 15.68 23.35 12.61
N ASP A 109 16.83 23.20 13.28
CA ASP A 109 18.02 22.41 12.87
C ASP A 109 17.75 20.92 13.17
N ASP A 110 16.70 20.35 12.57
CA ASP A 110 16.29 18.94 12.74
C ASP A 110 16.69 18.16 11.49
N ARG A 111 17.10 16.91 11.63
CA ARG A 111 17.50 16.07 10.49
C ARG A 111 16.54 14.87 10.41
N TYR A 112 16.20 14.48 9.20
CA TYR A 112 15.20 13.45 8.85
C TYR A 112 15.87 12.42 7.95
N ASN A 113 15.69 11.14 8.23
CA ASN A 113 16.02 10.04 7.29
C ASN A 113 14.84 9.90 6.31
N ALA A 114 15.13 9.59 5.04
CA ALA A 114 14.10 9.38 3.99
C ALA A 114 14.00 7.88 3.68
N ILE A 115 12.78 7.40 3.55
CA ILE A 115 12.44 6.09 2.93
C ILE A 115 11.44 6.37 1.82
N PHE A 116 11.71 5.91 0.61
CA PHE A 116 10.90 6.23 -0.60
C PHE A 116 9.89 5.11 -0.85
N ALA A 117 8.78 5.45 -1.49
CA ALA A 117 7.72 4.46 -1.84
C ALA A 117 7.00 4.92 -3.11
N ASN A 118 5.84 4.34 -3.44
CA ASN A 118 5.25 4.51 -4.81
C ASN A 118 4.02 5.40 -4.75
N SER A 119 3.41 5.56 -3.57
CA SER A 119 2.12 6.26 -3.37
C SER A 119 2.11 6.88 -1.97
N GLY A 120 1.24 7.87 -1.77
CA GLY A 120 0.96 8.50 -0.48
C GLY A 120 0.63 7.45 0.58
N ALA A 121 -0.25 6.49 0.26
CA ALA A 121 -0.69 5.42 1.18
C ALA A 121 0.55 4.61 1.63
N GLU A 122 1.46 4.27 0.72
CA GLU A 122 2.67 3.47 1.07
C GLU A 122 3.61 4.30 1.96
N ALA A 123 3.78 5.60 1.72
CA ALA A 123 4.61 6.45 2.61
C ALA A 123 3.96 6.48 4.00
N ASN A 124 2.65 6.66 4.07
CA ASN A 124 1.89 6.66 5.35
C ASN A 124 2.06 5.30 6.03
N GLU A 125 1.99 4.19 5.27
CA GLU A 125 2.17 2.81 5.80
C GLU A 125 3.58 2.66 6.37
N ILE A 126 4.59 3.20 5.71
CA ILE A 126 5.99 3.19 6.22
C ILE A 126 6.00 3.85 7.61
N CYS A 127 5.27 4.94 7.78
CA CYS A 127 5.19 5.65 9.09
C CYS A 127 4.46 4.79 10.14
N MET A 128 3.37 4.10 9.75
CA MET A 128 2.62 3.21 10.67
C MET A 128 3.57 2.13 11.17
N LYS A 129 4.38 1.57 10.28
CA LYS A 129 5.30 0.46 10.64
C LYS A 129 6.36 1.01 11.60
N HIS A 130 7.01 2.13 11.25
CA HIS A 130 8.12 2.67 12.07
C HIS A 130 7.55 3.03 13.46
N ALA A 131 6.38 3.66 13.50
CA ALA A 131 5.67 4.04 14.73
C ALA A 131 5.43 2.77 15.57
N GLU A 132 5.01 1.67 14.93
CA GLU A 132 4.73 0.45 15.70
C GLU A 132 6.06 -0.15 16.20
N LEU A 133 7.17 -0.01 15.47
CA LEU A 133 8.48 -0.50 16.01
C LEU A 133 8.86 0.37 17.24
N GLU A 134 8.59 1.68 17.21
CA GLU A 134 8.86 2.57 18.37
C GLU A 134 8.03 2.10 19.57
N ARG A 135 6.74 1.79 19.37
CA ARG A 135 5.84 1.41 20.48
C ARG A 135 6.38 0.12 21.10
N GLN A 136 6.81 -0.83 20.28
CA GLN A 136 7.39 -2.13 20.73
C GLN A 136 8.70 -1.92 21.51
N GLU A 137 9.56 -1.01 21.09
CA GLU A 137 10.76 -0.62 21.87
C GLU A 137 10.31 -0.10 23.25
N ARG A 138 9.29 0.77 23.30
CA ARG A 138 8.80 1.32 24.58
C ARG A 138 8.24 0.15 25.42
N ILE A 139 7.50 -0.78 24.84
CA ILE A 139 6.91 -1.95 25.56
C ILE A 139 8.06 -2.80 26.12
N THR A 140 9.05 -3.10 25.29
CA THR A 140 10.26 -3.87 25.71
C THR A 140 10.88 -3.22 26.96
N ALA A 141 11.15 -1.92 26.93
CA ALA A 141 11.80 -1.20 28.04
C ALA A 141 10.89 -1.28 29.29
N LEU A 142 9.60 -1.03 29.14
CA LEU A 142 8.64 -1.09 30.27
C LEU A 142 8.65 -2.49 30.90
N PHE A 143 8.63 -3.54 30.09
CA PHE A 143 8.50 -4.94 30.55
C PHE A 143 9.84 -5.39 31.18
N ALA A 144 10.99 -4.93 30.69
CA ALA A 144 12.30 -5.19 31.34
C ALA A 144 12.28 -4.61 32.77
N GLU A 145 11.76 -3.40 32.93
CA GLU A 145 11.67 -2.66 34.22
C GLU A 145 10.72 -3.42 35.15
N ILE A 146 9.61 -3.92 34.63
CA ILE A 146 8.59 -4.63 35.44
C ILE A 146 9.22 -5.94 35.93
N ASP A 147 9.92 -6.66 35.05
CA ASP A 147 10.70 -7.88 35.37
C ASP A 147 11.64 -7.62 36.56
N ALA A 148 12.48 -6.59 36.49
CA ALA A 148 13.42 -6.20 37.58
C ALA A 148 12.64 -5.85 38.86
N GLU A 149 11.56 -5.07 38.75
CA GLU A 149 10.71 -4.70 39.90
C GLU A 149 10.15 -5.96 40.56
N LEU A 150 9.80 -6.97 39.77
CA LEU A 150 9.16 -8.23 40.27
C LEU A 150 10.22 -9.01 41.05
N ASP A 151 11.42 -9.11 40.52
CA ASP A 151 12.55 -9.87 41.12
C ASP A 151 12.97 -9.22 42.46
N THR A 152 13.08 -7.89 42.54
CA THR A 152 13.33 -7.15 43.80
C THR A 152 12.21 -7.45 44.81
N ALA A 153 10.95 -7.37 44.38
CA ALA A 153 9.74 -7.58 45.22
C ALA A 153 9.72 -9.02 45.75
N ARG A 154 10.08 -10.00 44.91
CA ARG A 154 10.08 -11.44 45.24
C ARG A 154 11.15 -11.72 46.30
N GLU A 155 12.37 -11.23 46.07
CA GLU A 155 13.55 -11.43 46.96
C GLU A 155 13.29 -10.81 48.35
N ALA A 156 12.45 -9.78 48.43
CA ALA A 156 12.08 -9.10 49.69
C ALA A 156 10.92 -9.84 50.38
N LEU A 157 10.01 -10.45 49.62
CA LEU A 157 8.81 -11.17 50.13
C LEU A 157 9.19 -12.61 50.51
N THR A 158 10.35 -13.09 50.09
CA THR A 158 10.90 -14.42 50.46
C THR A 158 12.08 -14.24 51.44
N THR A 159 12.06 -13.17 52.25
CA THR A 159 13.03 -12.91 53.35
C THR A 159 12.31 -12.05 54.41
N GLY A 160 13.05 -11.38 55.29
CA GLY A 160 12.47 -10.50 56.34
C GLY A 160 11.92 -9.20 55.78
N THR A 161 12.50 -8.76 54.65
CA THR A 161 12.70 -7.36 54.19
C THR A 161 11.41 -6.52 54.14
N ALA A 162 10.26 -7.08 53.71
CA ALA A 162 9.07 -6.26 53.37
C ALA A 162 7.77 -7.05 53.47
N THR A 163 6.71 -6.36 53.88
CA THR A 163 5.30 -6.82 53.85
C THR A 163 4.78 -6.74 52.40
N LEU A 164 4.03 -7.75 51.93
CA LEU A 164 3.17 -7.64 50.72
C LEU A 164 1.81 -7.14 51.22
N ASP A 165 1.47 -5.90 50.87
CA ASP A 165 0.27 -5.18 51.33
C ASP A 165 -0.94 -5.79 50.61
N THR A 166 -1.84 -6.47 51.34
CA THR A 166 -2.87 -7.37 50.77
C THR A 166 -3.99 -6.51 50.19
N ALA A 167 -4.11 -5.25 50.65
CA ALA A 167 -5.11 -4.27 50.16
C ALA A 167 -4.79 -3.90 48.70
N SER A 168 -3.56 -4.15 48.25
CA SER A 168 -3.11 -3.87 46.85
C SER A 168 -3.62 -5.00 45.93
N LEU A 169 -3.88 -6.20 46.48
CA LEU A 169 -4.16 -7.42 45.66
C LEU A 169 -5.41 -7.25 44.79
N PRO A 170 -6.47 -6.51 45.16
CA PRO A 170 -7.66 -6.46 44.29
C PRO A 170 -7.33 -5.90 42.90
N LEU A 171 -6.29 -5.08 42.74
CA LEU A 171 -5.85 -4.52 41.42
C LEU A 171 -5.47 -5.65 40.44
N VAL A 172 -5.06 -6.83 40.93
CA VAL A 172 -4.82 -8.03 40.06
C VAL A 172 -6.14 -8.77 39.85
N GLY A 173 -6.90 -9.03 40.92
CA GLY A 173 -8.24 -9.66 40.88
C GLY A 173 -8.22 -11.00 40.16
N GLY A 174 -8.33 -12.11 40.89
CA GLY A 174 -8.25 -13.47 40.32
C GLY A 174 -7.61 -14.46 41.28
N GLY A 175 -8.12 -14.51 42.52
CA GLY A 175 -7.78 -15.54 43.51
C GLY A 175 -6.50 -15.20 44.26
N ALA A 176 -5.35 -15.48 43.66
CA ALA A 176 -4.05 -15.75 44.34
C ALA A 176 -3.83 -14.77 45.51
N GLY A 177 -3.17 -15.26 46.56
CA GLY A 177 -2.69 -14.45 47.70
C GLY A 177 -1.27 -14.83 48.08
N ASP A 178 -0.68 -15.82 47.43
CA ASP A 178 0.76 -16.15 47.62
C ASP A 178 1.56 -15.38 46.57
N VAL A 179 2.84 -15.14 46.83
CA VAL A 179 3.79 -14.36 45.98
C VAL A 179 3.75 -14.90 44.54
N ASP A 180 4.17 -16.15 44.32
CA ASP A 180 4.35 -16.75 42.97
C ASP A 180 3.04 -16.69 42.18
N GLY A 181 1.90 -16.81 42.87
CA GLY A 181 0.55 -16.79 42.28
C GLY A 181 0.13 -15.40 41.81
N VAL A 182 0.35 -14.36 42.62
CA VAL A 182 0.08 -12.94 42.27
C VAL A 182 0.93 -12.56 41.05
N ILE A 183 2.21 -12.93 41.04
CA ILE A 183 3.19 -12.64 39.95
C ILE A 183 2.75 -13.35 38.67
N ALA A 184 2.38 -14.63 38.75
CA ALA A 184 1.85 -15.40 37.59
C ALA A 184 0.64 -14.66 37.00
N ASP A 185 -0.28 -14.19 37.85
CA ASP A 185 -1.48 -13.44 37.43
C ASP A 185 -1.08 -12.08 36.82
N ILE A 186 0.02 -11.47 37.28
CA ILE A 186 0.54 -10.16 36.75
C ILE A 186 1.08 -10.40 35.32
N HIS A 187 1.99 -11.37 35.16
CA HIS A 187 2.54 -11.84 33.87
C HIS A 187 1.41 -12.08 32.85
N ARG A 188 0.34 -12.74 33.27
CA ARG A 188 -0.80 -13.13 32.40
C ARG A 188 -1.56 -11.86 32.02
N HIS A 189 -1.86 -11.01 33.00
CA HIS A 189 -2.55 -9.72 32.76
C HIS A 189 -1.74 -8.90 31.74
N ASN A 190 -0.42 -8.85 31.93
CA ASN A 190 0.48 -8.01 31.12
C ASN A 190 0.61 -8.61 29.71
N ASP A 191 0.67 -9.93 29.60
CA ASP A 191 0.78 -10.63 28.28
C ASP A 191 -0.46 -10.34 27.44
N GLU A 192 -1.64 -10.28 28.06
CA GLU A 192 -2.92 -9.95 27.38
C GLU A 192 -2.89 -8.50 26.84
N ARG A 193 -2.50 -7.54 27.66
CA ARG A 193 -2.42 -6.12 27.24
C ARG A 193 -1.46 -6.04 26.06
N ARG A 194 -0.33 -6.75 26.14
CA ARG A 194 0.72 -6.68 25.11
C ARG A 194 0.25 -7.35 23.80
N ALA A 195 -0.71 -8.27 23.86
CA ALA A 195 -1.29 -8.94 22.66
C ALA A 195 -2.25 -7.98 21.94
N GLU A 196 -2.74 -6.93 22.60
CA GLU A 196 -3.75 -6.01 22.00
C GLU A 196 -3.14 -5.26 20.82
N ARG A 197 -3.97 -4.95 19.82
CA ARG A 197 -3.54 -4.23 18.60
C ARG A 197 -3.20 -2.79 18.98
N PRO A 198 -2.28 -2.12 18.27
CA PRO A 198 -2.04 -0.69 18.49
C PRO A 198 -3.26 0.15 18.10
N LEU A 199 -3.38 1.33 18.70
CA LEU A 199 -4.37 2.35 18.32
C LEU A 199 -3.66 3.49 17.58
N PHE A 200 -4.27 3.97 16.50
CA PHE A 200 -3.83 5.15 15.75
C PHE A 200 -4.85 6.24 16.02
N LEU A 201 -4.39 7.46 16.32
CA LEU A 201 -5.27 8.63 16.48
C LEU A 201 -5.25 9.43 15.17
N THR A 202 -6.43 9.79 14.66
CA THR A 202 -6.60 10.49 13.38
C THR A 202 -7.71 11.52 13.54
N LEU A 203 -7.84 12.42 12.58
CA LEU A 203 -8.90 13.46 12.59
C LEU A 203 -10.03 13.10 11.61
N ASP A 204 -11.27 13.24 12.08
CA ASP A 204 -12.51 13.21 11.26
C ASP A 204 -12.27 13.98 9.96
N GLY A 205 -12.52 13.34 8.81
CA GLY A 205 -12.35 14.00 7.50
C GLY A 205 -11.05 13.64 6.85
N SER A 206 -10.22 12.80 7.47
CA SER A 206 -8.94 12.29 6.88
C SER A 206 -8.97 10.76 6.83
N PHE A 207 -8.27 10.19 5.85
CA PHE A 207 -7.80 8.79 5.82
C PHE A 207 -6.29 8.85 5.55
N HIS A 208 -5.55 7.87 6.05
CA HIS A 208 -4.08 7.79 5.88
C HIS A 208 -3.66 6.39 5.44
N GLY A 209 -3.40 6.17 4.15
CA GLY A 209 -3.27 4.82 3.57
C GLY A 209 -4.38 3.89 4.05
N LYS A 210 -4.01 2.83 4.77
CA LYS A 210 -4.85 1.73 5.31
C LYS A 210 -5.76 2.26 6.44
N LEU A 211 -5.40 3.33 7.16
CA LEU A 211 -6.22 3.89 8.26
C LEU A 211 -7.49 4.51 7.67
N VAL A 212 -8.54 3.68 7.56
CA VAL A 212 -9.92 3.97 7.05
C VAL A 212 -9.84 4.60 5.65
N PRO A 226 -16.49 -0.57 4.25
CA PRO A 226 -16.67 -1.67 5.22
C PRO A 226 -15.34 -2.38 5.57
N PHE A 227 -14.23 -1.64 5.62
CA PHE A 227 -12.85 -2.21 5.67
C PHE A 227 -12.12 -1.88 6.98
N THR A 228 -12.83 -1.56 8.05
CA THR A 228 -12.27 -1.41 9.43
C THR A 228 -11.45 -2.66 9.76
N ALA A 229 -11.95 -3.83 9.36
CA ALA A 229 -11.39 -5.15 9.72
C ALA A 229 -10.04 -5.39 9.01
N LEU A 230 -9.71 -4.61 7.97
CA LEU A 230 -8.43 -4.74 7.21
C LEU A 230 -7.27 -4.00 7.90
N SER A 231 -7.54 -3.02 8.77
CA SER A 231 -6.47 -2.16 9.35
C SER A 231 -6.50 -2.17 10.88
N SER A 232 -5.41 -1.64 11.47
CA SER A 232 -5.28 -1.35 12.92
C SER A 232 -6.43 -0.46 13.37
N PRO A 233 -6.91 -0.60 14.62
CA PRO A 233 -7.92 0.31 15.12
C PRO A 233 -7.43 1.76 15.01
N ALA A 234 -8.34 2.66 14.66
CA ALA A 234 -8.15 4.11 14.59
C ALA A 234 -9.23 4.76 15.45
N ARG A 235 -8.90 5.79 16.21
CA ARG A 235 -9.92 6.63 16.88
C ARG A 235 -9.92 7.94 16.14
N PHE A 236 -11.07 8.31 15.57
CA PHE A 236 -11.30 9.55 14.81
C PHE A 236 -11.66 10.63 15.82
N LEU A 237 -10.88 11.70 15.84
CA LEU A 237 -11.01 12.81 16.80
C LEU A 237 -11.65 13.97 16.08
N PRO A 238 -12.51 14.76 16.76
CA PRO A 238 -13.18 15.90 16.12
C PRO A 238 -12.25 17.12 15.97
N ALA A 239 -11.78 17.37 14.75
CA ALA A 239 -10.86 18.47 14.39
C ALA A 239 -11.48 19.82 14.77
N ASP A 240 -12.80 19.95 14.70
CA ASP A 240 -13.47 21.25 14.93
C ASP A 240 -13.57 21.52 16.44
N GLU A 241 -13.47 20.48 17.29
CA GLU A 241 -13.66 20.62 18.75
C GLU A 241 -12.45 20.08 19.51
N PRO A 242 -11.28 20.74 19.40
CA PRO A 242 -10.06 20.27 20.05
C PRO A 242 -10.21 20.16 21.57
N GLU A 243 -11.17 20.90 22.16
CA GLU A 243 -11.46 20.90 23.63
C GLU A 243 -12.11 19.58 24.05
N LEU A 244 -12.67 18.80 23.11
CA LEU A 244 -13.29 17.48 23.40
C LEU A 244 -12.25 16.36 23.31
N ILE A 245 -11.14 16.62 22.62
CA ILE A 245 -10.17 15.55 22.23
C ILE A 245 -9.57 14.93 23.49
N GLY A 246 -9.31 15.74 24.53
CA GLY A 246 -8.57 15.30 25.73
C GLY A 246 -9.23 14.10 26.39
N LYS A 247 -10.54 14.21 26.60
CA LYS A 247 -11.41 13.22 27.30
C LYS A 247 -11.48 11.94 26.46
N ILE A 248 -11.64 12.09 25.14
CA ILE A 248 -11.73 10.94 24.19
C ILE A 248 -10.44 10.11 24.34
N VAL A 249 -9.29 10.77 24.36
CA VAL A 249 -8.00 10.03 24.36
C VAL A 249 -7.76 9.45 25.76
N GLU A 250 -8.16 10.19 26.80
CA GLU A 250 -8.07 9.77 28.23
C GLU A 250 -8.78 8.42 28.38
N ASP A 251 -9.89 8.19 27.65
CA ASP A 251 -10.68 6.93 27.74
C ASP A 251 -9.93 5.75 27.13
N GLU A 252 -8.88 5.98 26.34
CA GLU A 252 -8.06 4.90 25.74
C GLU A 252 -6.87 4.50 26.62
N ARG A 253 -6.68 5.14 27.77
CA ARG A 253 -5.62 4.77 28.76
C ARG A 253 -5.79 3.30 29.20
N ARG A 254 -4.70 2.55 29.24
CA ARG A 254 -4.68 1.18 29.82
C ARG A 254 -3.41 1.01 30.63
N SER A 255 -3.42 0.08 31.56
CA SER A 255 -2.34 -0.18 32.55
C SER A 255 -1.85 -1.61 32.41
N VAL A 256 -0.57 -1.79 32.67
CA VAL A 256 0.00 -3.10 33.05
C VAL A 256 0.23 -3.04 34.57
N LEU A 257 0.58 -4.16 35.17
CA LEU A 257 0.71 -4.27 36.65
C LEU A 257 2.16 -4.59 36.97
N THR A 258 2.60 -4.17 38.14
CA THR A 258 3.90 -4.58 38.71
C THR A 258 3.74 -4.71 40.23
N LEU A 259 4.75 -5.28 40.87
CA LEU A 259 4.99 -5.22 42.33
C LEU A 259 6.06 -4.17 42.58
N SER A 260 5.70 -3.07 43.23
CA SER A 260 6.62 -1.98 43.64
C SER A 260 6.99 -2.13 45.12
N LEU A 261 8.29 -2.24 45.40
CA LEU A 261 8.91 -2.18 46.75
C LEU A 261 9.18 -0.72 47.15
N ASP A 262 8.48 -0.23 48.17
CA ASP A 262 8.64 1.12 48.75
C ASP A 262 9.11 0.92 50.19
N LYS A 263 10.44 0.97 50.37
CA LYS A 263 11.17 0.77 51.65
C LYS A 263 10.86 -0.63 52.18
N ASP A 264 9.83 -0.82 53.00
CA ASP A 264 9.53 -2.09 53.71
C ASP A 264 8.21 -2.69 53.22
N THR A 265 7.60 -2.09 52.19
CA THR A 265 6.23 -2.43 51.71
C THR A 265 6.29 -2.73 50.20
N VAL A 266 5.78 -3.88 49.79
CA VAL A 266 5.48 -4.21 48.36
C VAL A 266 3.98 -3.97 48.14
N ARG A 267 3.63 -3.13 47.16
CA ARG A 267 2.23 -2.93 46.69
C ARG A 267 2.16 -3.32 45.20
N VAL A 268 1.02 -3.86 44.77
CA VAL A 268 0.77 -4.01 43.31
C VAL A 268 0.33 -2.63 42.84
N VAL A 269 0.94 -2.17 41.74
CA VAL A 269 0.66 -0.81 41.18
C VAL A 269 0.43 -0.92 39.67
N GLU A 270 -0.33 0.04 39.17
CA GLU A 270 -0.59 0.25 37.73
C GLU A 270 0.54 1.10 37.15
N ARG A 271 1.05 0.65 35.99
CA ARG A 271 1.96 1.41 35.10
C ARG A 271 1.22 1.66 33.79
N ASP A 272 1.29 2.88 33.26
CA ASP A 272 0.68 3.27 31.97
C ASP A 272 1.29 2.38 30.89
N PHE A 273 0.46 1.92 29.97
CA PHE A 273 0.88 1.07 28.84
C PHE A 273 0.85 1.91 27.58
N PRO A 274 1.86 1.77 26.71
CA PRO A 274 1.84 2.39 25.40
C PRO A 274 0.77 1.75 24.47
N VAL A 275 -0.43 2.32 24.45
CA VAL A 275 -1.59 1.88 23.64
C VAL A 275 -1.47 2.48 22.23
N VAL A 276 -1.13 3.78 22.16
CA VAL A 276 -1.19 4.56 20.90
C VAL A 276 0.16 4.49 20.18
N ALA A 277 0.14 4.07 18.92
CA ALA A 277 1.37 3.96 18.11
C ALA A 277 1.70 5.33 17.49
N ALA A 278 0.70 6.13 17.12
CA ALA A 278 0.93 7.37 16.36
C ALA A 278 -0.32 8.22 16.30
N ILE A 279 -0.09 9.52 16.13
CA ILE A 279 -1.11 10.55 15.78
C ILE A 279 -0.83 10.97 14.35
N PHE A 280 -1.84 10.90 13.49
CA PHE A 280 -1.80 11.36 12.09
C PHE A 280 -2.56 12.67 11.96
N VAL A 281 -1.98 13.63 11.22
CA VAL A 281 -2.64 14.93 10.92
C VAL A 281 -2.26 15.37 9.51
N GLU A 282 -3.26 15.81 8.75
CA GLU A 282 -3.07 16.54 7.46
C GLU A 282 -3.18 18.04 7.72
N PRO A 283 -2.20 18.86 7.32
CA PRO A 283 -2.28 20.29 7.49
C PRO A 283 -3.53 20.89 6.82
N VAL A 284 -3.88 20.38 5.63
CA VAL A 284 -5.13 20.71 4.90
C VAL A 284 -5.90 19.40 4.71
N ARG A 285 -7.14 19.34 5.17
CA ARG A 285 -8.02 18.16 5.04
C ARG A 285 -8.91 18.36 3.80
N GLY A 286 -8.48 17.81 2.66
CA GLY A 286 -9.32 17.67 1.45
C GLY A 286 -10.70 17.12 1.78
N GLY A 287 -10.76 16.07 2.59
CA GLY A 287 -11.99 15.34 2.98
C GLY A 287 -12.91 16.16 3.86
N SER A 288 -12.44 17.28 4.42
CA SER A 288 -13.25 18.25 5.20
C SER A 288 -13.56 19.50 4.37
N GLY A 289 -13.19 19.50 3.08
CA GLY A 289 -13.41 20.65 2.17
C GLY A 289 -12.29 21.69 2.24
N MET A 290 -11.03 21.25 2.39
CA MET A 290 -9.80 22.10 2.28
C MET A 290 -9.67 22.96 3.54
N LYS A 291 -10.08 22.41 4.69
CA LYS A 291 -9.94 23.06 6.00
C LYS A 291 -8.51 22.85 6.51
N THR A 292 -7.90 23.94 6.95
CA THR A 292 -6.56 23.95 7.55
C THR A 292 -6.68 23.70 9.06
N VAL A 293 -5.64 23.09 9.63
CA VAL A 293 -5.47 22.87 11.08
C VAL A 293 -5.44 24.26 11.75
N THR A 294 -6.30 24.46 12.75
CA THR A 294 -6.32 25.71 13.55
C THR A 294 -5.15 25.69 14.53
N PRO A 295 -4.69 26.87 15.01
CA PRO A 295 -3.70 26.93 16.09
C PRO A 295 -4.11 26.12 17.34
N GLU A 296 -5.39 26.17 17.71
CA GLU A 296 -5.95 25.42 18.88
C GLU A 296 -5.74 23.92 18.67
N LEU A 297 -6.01 23.43 17.46
CA LEU A 297 -5.90 21.98 17.17
C LEU A 297 -4.42 21.60 17.18
N ALA A 298 -3.55 22.38 16.55
CA ALA A 298 -2.08 22.15 16.53
C ALA A 298 -1.59 21.99 17.97
N GLU A 299 -1.98 22.92 18.86
CA GLU A 299 -1.60 22.89 20.30
C GLU A 299 -2.09 21.59 20.95
N GLU A 300 -3.32 21.16 20.68
CA GLU A 300 -3.86 19.91 21.29
C GLU A 300 -3.05 18.69 20.79
N LEU A 301 -2.67 18.66 19.50
CA LEU A 301 -1.90 17.52 18.94
C LEU A 301 -0.47 17.51 19.52
N HIS A 302 0.15 18.67 19.66
CA HIS A 302 1.45 18.84 20.37
C HIS A 302 1.31 18.25 21.78
N ARG A 303 0.27 18.62 22.50
CA ARG A 303 0.05 18.14 23.90
C ARG A 303 -0.08 16.63 23.88
N LEU A 304 -0.88 16.08 22.95
CA LEU A 304 -1.12 14.63 22.86
C LEU A 304 0.21 13.92 22.63
N ARG A 305 0.99 14.39 21.68
CA ARG A 305 2.28 13.81 21.27
C ARG A 305 3.24 13.80 22.48
N ASP A 306 3.37 14.95 23.14
CA ASP A 306 4.25 15.12 24.33
C ASP A 306 3.76 14.19 25.43
N THR A 307 2.45 14.01 25.57
CA THR A 307 1.86 13.25 26.70
C THR A 307 1.95 11.75 26.43
N LEU A 308 1.69 11.28 25.20
CA LEU A 308 1.64 9.81 24.88
C LEU A 308 3.05 9.25 24.61
N GLY A 309 4.00 10.08 24.15
CA GLY A 309 5.34 9.60 23.77
C GLY A 309 5.36 8.92 22.39
N CYS A 310 4.27 9.01 21.64
CA CYS A 310 4.18 8.44 20.28
C CYS A 310 4.50 9.58 19.31
N PRO A 311 4.90 9.27 18.06
CA PRO A 311 5.13 10.34 17.08
C PRO A 311 3.83 11.00 16.58
N LEU A 312 3.97 12.30 16.25
CA LEU A 312 3.00 13.07 15.46
C LEU A 312 3.41 12.96 14.00
N VAL A 313 2.62 12.23 13.22
CA VAL A 313 2.90 11.99 11.79
C VAL A 313 2.10 13.03 11.00
N VAL A 314 2.80 13.89 10.28
CA VAL A 314 2.21 14.97 9.48
C VAL A 314 2.14 14.46 8.04
N ASP A 315 0.92 14.13 7.61
CA ASP A 315 0.63 13.56 6.28
C ASP A 315 0.37 14.70 5.31
N GLU A 316 1.35 15.00 4.44
CA GLU A 316 1.16 16.03 3.42
C GLU A 316 1.03 15.40 2.03
N VAL A 317 0.78 14.11 1.94
CA VAL A 317 0.78 13.41 0.62
C VAL A 317 -0.35 13.99 -0.26
N GLN A 318 -1.43 14.52 0.33
CA GLN A 318 -2.64 14.92 -0.44
C GLN A 318 -2.61 16.42 -0.81
N THR A 319 -1.62 17.21 -0.38
CA THR A 319 -1.61 18.68 -0.62
C THR A 319 -0.99 19.00 -1.98
N GLY A 320 0.24 18.56 -2.21
CA GLY A 320 1.04 18.99 -3.38
C GLY A 320 2.10 20.00 -2.97
N ILE A 321 3.37 19.65 -3.11
CA ILE A 321 4.49 20.48 -2.59
C ILE A 321 4.33 21.90 -3.15
N GLY A 322 4.36 22.87 -2.24
CA GLY A 322 4.40 24.30 -2.57
C GLY A 322 3.02 24.92 -2.62
N ARG A 323 1.98 24.10 -2.65
CA ARG A 323 0.61 24.51 -3.02
C ARG A 323 -0.01 25.43 -1.95
N THR A 324 0.32 25.27 -0.66
CA THR A 324 -0.19 26.15 0.43
C THR A 324 0.55 27.51 0.43
N GLY A 325 1.63 27.66 -0.35
CA GLY A 325 2.46 28.90 -0.36
C GLY A 325 3.78 28.73 0.36
N ALA A 326 3.95 27.57 1.00
CA ALA A 326 5.23 27.05 1.54
C ALA A 326 5.42 25.65 0.97
N PHE A 327 6.64 25.14 0.94
CA PHE A 327 6.88 23.74 0.52
C PHE A 327 6.06 22.79 1.42
N PHE A 328 6.16 22.98 2.74
CA PHE A 328 5.48 22.20 3.81
C PHE A 328 4.32 23.04 4.38
N GLY A 329 3.09 22.62 4.13
CA GLY A 329 1.88 23.18 4.78
C GLY A 329 2.05 23.23 6.29
N SER A 330 2.74 22.23 6.85
CA SER A 330 2.95 22.07 8.31
C SER A 330 3.80 23.25 8.82
N ALA A 331 4.83 23.66 8.08
CA ALA A 331 5.69 24.84 8.43
C ALA A 331 4.82 26.10 8.49
N LEU A 332 3.96 26.28 7.49
CA LEU A 332 3.02 27.41 7.41
C LEU A 332 2.09 27.41 8.63
N LEU A 333 1.62 26.27 9.09
CA LEU A 333 0.56 26.24 10.13
C LEU A 333 1.15 25.95 11.50
N GLY A 334 2.48 25.90 11.63
CA GLY A 334 3.18 25.64 12.90
C GLY A 334 2.84 24.28 13.50
N ILE A 335 2.67 23.23 12.68
CA ILE A 335 2.52 21.83 13.18
C ILE A 335 3.92 21.21 13.32
N ARG A 336 4.34 20.89 14.54
CA ARG A 336 5.70 20.37 14.82
C ARG A 336 5.64 18.84 14.81
N GLY A 337 5.79 18.24 13.65
CA GLY A 337 5.72 16.78 13.49
C GLY A 337 7.02 16.10 13.87
N ASP A 338 6.97 14.79 14.08
CA ASP A 338 8.11 13.87 14.22
C ASP A 338 8.40 13.19 12.87
N TYR A 339 7.35 12.80 12.16
CA TYR A 339 7.44 12.17 10.80
C TYR A 339 6.63 13.03 9.83
N TYR A 340 7.03 13.07 8.56
CA TYR A 340 6.33 13.78 7.48
C TYR A 340 6.23 12.86 6.24
N THR A 341 5.12 12.93 5.54
CA THR A 341 4.95 12.24 4.24
C THR A 341 4.60 13.26 3.14
N LEU A 342 5.16 12.99 1.96
CA LEU A 342 4.97 13.72 0.68
C LEU A 342 4.66 12.72 -0.43
N ALA A 343 3.88 13.16 -1.43
CA ALA A 343 3.70 12.41 -2.69
C ALA A 343 3.31 13.38 -3.80
N LYS A 344 2.14 14.03 -3.68
CA LYS A 344 1.59 14.88 -4.75
C LYS A 344 2.64 15.94 -5.14
N ALA A 345 2.83 16.08 -6.46
CA ALA A 345 3.70 17.06 -7.15
C ALA A 345 5.14 16.56 -7.29
N ILE A 346 5.64 15.61 -6.48
CA ILE A 346 7.09 15.25 -6.53
C ILE A 346 7.36 14.39 -7.77
N GLY A 347 6.34 13.78 -8.38
CA GLY A 347 6.46 13.06 -9.67
C GLY A 347 6.26 13.95 -10.89
N GLY A 348 6.14 15.27 -10.69
CA GLY A 348 6.13 16.27 -11.77
C GLY A 348 4.93 16.12 -12.68
N GLY A 349 3.88 15.44 -12.21
CA GLY A 349 2.68 15.18 -12.99
C GLY A 349 2.89 14.13 -14.07
N ILE A 350 4.00 13.38 -14.06
CA ILE A 350 4.21 12.28 -15.06
C ILE A 350 4.51 10.94 -14.39
N VAL A 351 5.18 10.90 -13.23
CA VAL A 351 5.61 9.62 -12.58
C VAL A 351 5.11 9.56 -11.13
N LYS A 352 5.40 8.46 -10.46
CA LYS A 352 4.86 8.11 -9.12
C LYS A 352 6.02 7.94 -8.15
N ASN A 353 6.00 8.72 -7.09
CA ASN A 353 7.06 8.70 -6.06
C ASN A 353 6.41 9.22 -4.77
N SER A 354 6.87 8.74 -3.63
CA SER A 354 6.44 9.26 -2.32
C SER A 354 7.61 9.14 -1.34
N VAL A 355 7.55 9.85 -0.22
CA VAL A 355 8.69 9.76 0.74
C VAL A 355 8.14 9.89 2.17
N ALA A 356 8.66 9.06 3.06
CA ALA A 356 8.50 9.22 4.53
C ALA A 356 9.79 9.83 5.09
N LEU A 357 9.66 10.93 5.82
CA LEU A 357 10.77 11.63 6.52
C LEU A 357 10.57 11.39 8.01
N ILE A 358 11.55 10.77 8.65
CA ILE A 358 11.49 10.35 10.07
C ILE A 358 12.68 10.98 10.81
N ARG A 359 12.39 11.81 11.80
CA ARG A 359 13.43 12.54 12.57
C ARG A 359 14.48 11.53 13.03
N GLN A 360 15.74 11.82 12.71
CA GLN A 360 16.91 10.91 12.87
C GLN A 360 17.09 10.50 14.33
N ASP A 361 16.74 11.35 15.31
CA ASP A 361 16.91 10.98 16.73
C ASP A 361 15.83 9.96 17.16
N ARG A 362 14.79 9.70 16.35
CA ARG A 362 13.78 8.65 16.65
C ARG A 362 13.98 7.44 15.72
N PHE A 363 14.72 7.63 14.64
CA PHE A 363 14.75 6.68 13.50
C PHE A 363 15.46 5.41 13.96
N LEU A 364 14.81 4.27 13.76
CA LEU A 364 15.34 2.95 14.15
C LEU A 364 16.07 2.39 12.94
N PRO A 365 17.42 2.22 13.03
CA PRO A 365 18.22 1.83 11.88
C PRO A 365 17.66 0.60 11.16
N ALA A 366 17.06 -0.34 11.88
CA ALA A 366 16.49 -1.59 11.32
C ALA A 366 15.57 -1.23 10.13
N MET A 367 14.75 -0.20 10.29
CA MET A 367 13.67 0.19 9.34
C MET A 367 14.23 0.40 7.93
N GLU A 368 15.51 0.77 7.77
CA GLU A 368 16.12 0.98 6.42
C GLU A 368 16.08 -0.31 5.61
N VAL A 369 16.00 -1.48 6.24
CA VAL A 369 16.08 -2.75 5.47
C VAL A 369 14.82 -3.58 5.75
N ILE A 370 13.78 -2.98 6.30
CA ILE A 370 12.46 -3.66 6.50
C ILE A 370 11.61 -3.49 5.24
N HIS A 371 11.28 -2.25 4.85
CA HIS A 371 10.36 -1.95 3.71
C HIS A 371 10.96 -2.54 2.43
N SER A 372 10.18 -3.39 1.76
CA SER A 372 10.56 -4.14 0.55
C SER A 372 9.50 -3.88 -0.52
N SER A 373 9.82 -3.00 -1.47
CA SER A 373 8.96 -2.66 -2.62
C SER A 373 9.79 -2.67 -3.89
N THR A 374 9.34 -3.38 -4.92
CA THR A 374 10.07 -3.55 -6.21
C THR A 374 10.30 -2.19 -6.88
N PHE A 375 9.26 -1.35 -6.96
CA PHE A 375 9.27 -0.11 -7.76
C PHE A 375 9.84 1.06 -6.96
N ALA A 376 9.96 0.92 -5.64
CA ALA A 376 10.26 2.03 -4.72
C ALA A 376 11.69 2.49 -4.98
N LYS A 377 11.91 3.80 -4.98
CA LYS A 377 13.28 4.37 -5.09
C LYS A 377 13.85 4.11 -6.49
N ASP A 378 12.98 4.01 -7.50
CA ASP A 378 13.37 3.76 -8.91
C ASP A 378 14.20 4.94 -9.41
N GLY A 379 15.12 4.70 -10.35
CA GLY A 379 16.02 5.74 -10.93
C GLY A 379 15.28 6.84 -11.68
N LEU A 380 14.17 6.53 -12.36
CA LEU A 380 13.49 7.54 -13.21
C LEU A 380 12.79 8.59 -12.33
N SER A 381 11.97 8.15 -11.37
CA SER A 381 11.20 9.10 -10.52
C SER A 381 12.18 9.90 -9.62
N ALA A 382 13.32 9.32 -9.26
CA ALA A 382 14.36 10.00 -8.44
C ALA A 382 14.93 11.19 -9.23
N SER A 383 15.25 10.99 -10.50
CA SER A 383 15.73 12.04 -11.44
C SER A 383 14.65 13.11 -11.57
N ILE A 384 13.40 12.73 -11.80
CA ILE A 384 12.28 13.70 -11.95
C ILE A 384 12.11 14.51 -10.65
N ALA A 385 12.19 13.87 -9.48
CA ALA A 385 12.04 14.57 -8.18
C ALA A 385 13.12 15.65 -8.05
N LEU A 386 14.35 15.35 -8.43
CA LEU A 386 15.48 16.33 -8.29
C LEU A 386 15.19 17.54 -9.20
N LYS A 387 14.63 17.29 -10.38
CA LYS A 387 14.20 18.37 -11.31
C LYS A 387 13.08 19.22 -10.68
N VAL A 388 12.07 18.57 -10.09
CA VAL A 388 10.92 19.30 -9.48
C VAL A 388 11.45 20.19 -8.35
N LEU A 389 12.33 19.65 -7.51
CA LEU A 389 12.88 20.39 -6.34
C LEU A 389 13.75 21.57 -6.82
N GLU A 390 14.51 21.42 -7.91
CA GLU A 390 15.26 22.52 -8.54
C GLU A 390 14.25 23.60 -8.96
N MET A 391 13.18 23.21 -9.65
CA MET A 391 12.17 24.15 -10.22
C MET A 391 11.48 24.88 -9.06
N VAL A 392 11.08 24.16 -8.02
CA VAL A 392 10.26 24.78 -6.94
C VAL A 392 11.16 25.73 -6.11
N GLU A 393 12.47 25.51 -6.09
CA GLU A 393 13.46 26.31 -5.32
C GLU A 393 14.09 27.43 -6.17
N ALA A 394 13.91 27.46 -7.49
CA ALA A 394 14.59 28.41 -8.42
C ALA A 394 14.34 29.87 -7.99
N ASP A 395 15.36 30.73 -8.21
CA ASP A 395 15.23 32.22 -8.16
C ASP A 395 14.81 32.62 -6.73
N GLY A 396 15.54 32.15 -5.73
CA GLY A 396 15.36 32.47 -4.31
C GLY A 396 13.96 32.22 -3.77
N GLY A 397 13.24 31.23 -4.30
CA GLY A 397 11.88 30.86 -3.83
C GLY A 397 10.79 31.73 -4.43
N ARG A 398 11.00 32.24 -5.63
CA ARG A 398 10.01 33.01 -6.43
C ARG A 398 8.73 32.18 -6.62
N VAL A 399 8.86 30.88 -6.82
CA VAL A 399 7.72 29.96 -7.12
C VAL A 399 6.70 30.02 -5.96
N TYR A 400 7.16 30.04 -4.72
CA TYR A 400 6.30 30.08 -3.53
C TYR A 400 5.59 31.43 -3.48
N GLN A 401 6.33 32.48 -3.83
CA GLN A 401 5.79 33.86 -3.98
C GLN A 401 4.65 33.86 -5.01
N ARG A 402 4.88 33.23 -6.15
CA ARG A 402 3.87 33.12 -7.25
C ARG A 402 2.65 32.35 -6.74
N VAL A 403 2.83 31.22 -6.07
CA VAL A 403 1.70 30.40 -5.54
C VAL A 403 0.89 31.32 -4.62
N ARG A 404 1.55 32.07 -3.74
CA ARG A 404 0.86 32.93 -2.74
C ARG A 404 0.08 34.04 -3.46
N GLU A 405 0.66 34.65 -4.51
CA GLU A 405 0.03 35.77 -5.26
C GLU A 405 -1.14 35.23 -6.08
N ARG A 406 -0.96 34.11 -6.80
CA ARG A 406 -2.05 33.48 -7.59
C ARG A 406 -3.19 33.04 -6.65
N GLY A 407 -2.82 32.46 -5.51
CA GLY A 407 -3.78 32.01 -4.47
C GLY A 407 -4.64 33.15 -3.99
N GLN A 408 -4.01 34.28 -3.63
CA GLN A 408 -4.71 35.51 -3.13
C GLN A 408 -5.72 35.98 -4.20
N ARG A 409 -5.30 36.03 -5.46
CA ARG A 409 -6.19 36.42 -6.59
C ARG A 409 -7.37 35.43 -6.69
N LEU A 410 -7.11 34.11 -6.67
CA LEU A 410 -8.18 33.09 -6.85
C LEU A 410 -9.16 33.16 -5.68
N GLU A 411 -8.62 33.28 -4.46
CA GLU A 411 -9.45 33.33 -3.23
C GLU A 411 -10.33 34.60 -3.23
N ALA A 412 -9.79 35.74 -3.64
CA ALA A 412 -10.53 37.01 -3.68
C ALA A 412 -11.72 36.83 -4.62
N MET A 413 -11.51 36.17 -5.77
CA MET A 413 -12.59 35.93 -6.77
C MET A 413 -13.67 35.05 -6.12
N LEU A 414 -13.25 33.98 -5.45
CA LEU A 414 -14.19 33.03 -4.81
C LEU A 414 -14.95 33.75 -3.69
N GLU A 415 -14.29 34.65 -2.96
CA GLU A 415 -14.91 35.43 -1.85
C GLU A 415 -15.96 36.40 -2.44
N SER A 416 -15.67 37.00 -3.58
CA SER A 416 -16.56 37.90 -4.36
C SER A 416 -17.79 37.13 -4.85
N VAL A 417 -17.63 35.90 -5.33
CA VAL A 417 -18.79 35.04 -5.75
C VAL A 417 -19.59 34.67 -4.51
N ARG A 418 -18.93 34.27 -3.41
CA ARG A 418 -19.63 33.94 -2.14
C ARG A 418 -20.52 35.12 -1.70
N ALA A 419 -19.98 36.34 -1.71
CA ALA A 419 -20.69 37.57 -1.24
C ALA A 419 -22.03 37.71 -1.97
N ASP A 420 -22.03 37.57 -3.30
CA ASP A 420 -23.25 37.77 -4.15
C ASP A 420 -24.11 36.51 -4.20
N HIS A 421 -23.68 35.39 -3.61
CA HIS A 421 -24.36 34.08 -3.74
C HIS A 421 -24.35 33.31 -2.42
N SER A 422 -24.47 34.03 -1.29
CA SER A 422 -24.49 33.50 0.09
C SER A 422 -25.69 32.60 0.30
N ASP A 423 -26.71 32.71 -0.55
CA ASP A 423 -27.91 31.83 -0.44
C ASP A 423 -27.55 30.38 -0.79
N VAL A 424 -26.50 30.13 -1.58
CA VAL A 424 -26.16 28.73 -2.02
C VAL A 424 -24.70 28.37 -1.70
N VAL A 425 -23.84 29.36 -1.42
CA VAL A 425 -22.41 29.20 -1.04
C VAL A 425 -22.26 29.66 0.41
N SER A 426 -21.74 28.82 1.30
CA SER A 426 -21.64 29.09 2.76
C SER A 426 -20.30 29.73 3.10
N ALA A 427 -19.22 29.38 2.41
CA ALA A 427 -17.86 29.80 2.85
C ALA A 427 -16.81 29.50 1.79
N VAL A 428 -15.68 30.17 1.94
CA VAL A 428 -14.42 29.86 1.23
C VAL A 428 -13.47 29.22 2.24
N TRP A 429 -12.82 28.12 1.84
CA TRP A 429 -11.85 27.39 2.70
C TRP A 429 -10.52 27.25 1.97
N GLY A 430 -9.47 27.04 2.76
CA GLY A 430 -8.15 26.62 2.24
C GLY A 430 -7.17 27.77 2.26
N THR A 431 -6.03 27.56 1.64
CA THR A 431 -4.92 28.51 1.65
C THR A 431 -4.08 28.26 0.40
N GLY A 432 -3.30 29.27 -0.01
CA GLY A 432 -2.53 29.24 -1.26
C GLY A 432 -3.43 28.90 -2.42
N LEU A 433 -2.99 27.93 -3.25
CA LEU A 433 -3.78 27.39 -4.40
C LEU A 433 -4.44 26.05 -4.05
N MET A 434 -4.86 25.89 -2.79
CA MET A 434 -5.66 24.74 -2.31
C MET A 434 -6.92 25.28 -1.66
N LEU A 435 -7.95 25.54 -2.47
CA LEU A 435 -9.14 26.32 -2.06
C LEU A 435 -10.39 25.51 -2.37
N ALA A 436 -11.50 25.88 -1.73
CA ALA A 436 -12.81 25.27 -1.97
C ALA A 436 -13.90 26.30 -1.71
N LEU A 437 -15.04 26.13 -2.37
CA LEU A 437 -16.34 26.72 -1.94
C LEU A 437 -17.13 25.63 -1.22
N GLU A 438 -17.69 25.97 -0.06
CA GLU A 438 -18.70 25.11 0.60
C GLU A 438 -20.08 25.47 0.02
N LEU A 439 -20.82 24.45 -0.41
CA LEU A 439 -22.22 24.58 -0.91
C LEU A 439 -23.16 24.42 0.28
N ARG A 440 -24.19 25.25 0.39
CA ARG A 440 -25.29 25.02 1.36
C ARG A 440 -26.07 23.77 0.98
N ASP A 441 -26.67 23.15 1.99
CA ASP A 441 -27.40 21.88 1.83
C ASP A 441 -28.58 22.13 0.89
N GLN A 442 -28.83 21.23 -0.05
CA GLN A 442 -29.92 21.35 -1.04
C GLN A 442 -30.89 20.17 -0.89
N SER A 443 -30.89 19.46 0.24
CA SER A 443 -31.69 18.23 0.39
C SER A 443 -33.17 18.59 0.56
N ASN A 444 -33.50 19.84 0.86
CA ASN A 444 -34.89 20.38 0.94
C ASN A 444 -35.23 21.22 -0.30
N ALA A 445 -34.46 21.13 -1.39
CA ALA A 445 -34.64 21.94 -2.62
C ALA A 445 -36.06 21.77 -3.19
N THR A 446 -36.61 22.85 -3.72
CA THR A 446 -37.87 22.94 -4.51
C THR A 446 -37.82 21.97 -5.70
N SER A 447 -36.77 22.08 -6.52
CA SER A 447 -36.59 21.28 -7.75
C SER A 447 -36.38 19.82 -7.37
N GLN A 448 -37.26 18.91 -7.82
CA GLN A 448 -37.18 17.46 -7.49
C GLN A 448 -35.82 16.89 -7.93
N ALA A 449 -35.37 17.21 -9.14
CA ALA A 449 -34.13 16.68 -9.74
C ALA A 449 -32.93 17.10 -8.87
N ILE A 450 -32.88 18.35 -8.41
CA ILE A 450 -31.81 18.85 -7.50
C ILE A 450 -31.91 18.14 -6.12
N ARG A 451 -33.10 18.10 -5.53
CA ARG A 451 -33.39 17.50 -4.20
C ARG A 451 -32.91 16.05 -4.16
N GLU A 452 -33.20 15.30 -5.21
CA GLU A 452 -32.88 13.84 -5.31
C GLU A 452 -31.35 13.66 -5.36
N LYS A 453 -30.67 14.48 -6.15
CA LYS A 453 -29.19 14.41 -6.28
C LYS A 453 -28.56 14.77 -4.92
N ALA A 454 -29.08 15.80 -4.24
CA ALA A 454 -28.58 16.21 -2.92
C ALA A 454 -28.81 15.07 -1.91
N ALA A 455 -29.94 14.37 -1.97
CA ALA A 455 -30.24 13.28 -1.01
C ALA A 455 -29.21 12.18 -1.17
N HIS A 456 -28.72 11.92 -2.37
CA HIS A 456 -27.79 10.79 -2.67
C HIS A 456 -26.33 11.26 -2.53
N GLY A 457 -26.11 12.52 -2.14
CA GLY A 457 -24.78 13.11 -1.91
C GLY A 457 -24.05 13.45 -3.20
N PHE A 458 -24.77 13.71 -4.32
CA PHE A 458 -24.18 13.93 -5.66
C PHE A 458 -24.31 15.37 -6.17
N LEU A 459 -24.79 16.33 -5.37
CA LEU A 459 -25.03 17.72 -5.83
C LEU A 459 -23.75 18.33 -6.43
N GLY A 460 -22.62 18.20 -5.73
CA GLY A 460 -21.32 18.76 -6.20
C GLY A 460 -20.96 18.23 -7.59
N TYR A 461 -21.20 16.95 -7.84
CA TYR A 461 -20.92 16.29 -9.15
C TYR A 461 -21.80 16.88 -10.25
N VAL A 462 -23.11 17.09 -9.98
CA VAL A 462 -24.03 17.68 -11.00
C VAL A 462 -23.65 19.14 -11.27
N LEU A 463 -23.32 19.92 -10.25
CA LEU A 463 -22.83 21.32 -10.43
C LEU A 463 -21.57 21.31 -11.32
N ALA A 464 -20.64 20.38 -11.08
CA ALA A 464 -19.39 20.26 -11.86
C ALA A 464 -19.75 19.95 -13.32
N GLY A 465 -20.71 19.07 -13.56
CA GLY A 465 -21.23 18.77 -14.91
C GLY A 465 -21.72 20.02 -15.65
N PHE A 466 -22.43 20.90 -14.96
CA PHE A 466 -22.94 22.18 -15.53
C PHE A 466 -21.73 23.01 -15.96
N LEU A 467 -20.73 23.13 -15.08
CA LEU A 467 -19.52 23.95 -15.34
C LEU A 467 -18.79 23.43 -16.59
N LEU A 468 -18.74 22.11 -16.78
CA LEU A 468 -18.09 21.48 -17.96
C LEU A 468 -18.90 21.79 -19.22
N ARG A 469 -20.20 21.44 -19.26
CA ARG A 469 -21.02 21.51 -20.48
C ARG A 469 -21.28 22.97 -20.87
N GLU A 470 -21.50 23.89 -19.92
CA GLU A 470 -21.93 25.29 -20.23
C GLU A 470 -20.75 26.26 -20.25
N HIS A 471 -19.64 25.97 -19.58
CA HIS A 471 -18.52 26.94 -19.42
C HIS A 471 -17.16 26.32 -19.77
N HIS A 472 -17.12 25.03 -20.15
CA HIS A 472 -15.86 24.31 -20.51
C HIS A 472 -14.82 24.50 -19.39
N ILE A 473 -15.26 24.32 -18.14
CA ILE A 473 -14.38 24.38 -16.93
C ILE A 473 -14.48 23.04 -16.20
N ARG A 474 -13.34 22.43 -15.90
CA ARG A 474 -13.22 21.17 -15.13
C ARG A 474 -13.05 21.52 -13.65
N VAL A 475 -14.08 21.24 -12.87
CA VAL A 475 -14.07 21.34 -11.38
C VAL A 475 -14.51 19.97 -10.85
N LEU A 476 -13.94 19.54 -9.72
CA LEU A 476 -14.41 18.31 -9.05
C LEU A 476 -14.73 18.66 -7.62
N PRO A 477 -15.73 18.00 -7.01
CA PRO A 477 -16.07 18.29 -5.63
C PRO A 477 -15.04 17.68 -4.68
N ALA A 478 -15.22 18.02 -3.41
CA ALA A 478 -14.51 17.44 -2.26
C ALA A 478 -15.49 17.39 -1.11
N GLY A 479 -15.09 16.69 -0.04
CA GLY A 479 -15.72 16.73 1.28
C GLY A 479 -16.85 15.73 1.35
N PRO A 480 -17.55 15.62 2.49
CA PRO A 480 -18.66 14.68 2.60
C PRO A 480 -19.75 15.13 1.60
N ARG A 481 -20.37 14.16 0.94
CA ARG A 481 -21.64 14.30 0.16
C ARG A 481 -21.46 15.39 -0.90
N SER A 482 -20.31 15.39 -1.57
CA SER A 482 -19.90 16.37 -2.61
C SER A 482 -20.36 17.80 -2.26
N GLY A 483 -20.19 18.22 -1.00
CA GLY A 483 -20.69 19.49 -0.41
C GLY A 483 -19.75 20.67 -0.63
N PHE A 484 -18.59 20.45 -1.28
CA PHE A 484 -17.58 21.49 -1.60
C PHE A 484 -17.14 21.36 -3.07
N LEU A 485 -16.72 22.48 -3.66
CA LEU A 485 -16.07 22.55 -4.99
C LEU A 485 -14.61 22.90 -4.77
N ARG A 486 -13.70 22.07 -5.28
CA ARG A 486 -12.23 22.26 -5.20
C ARG A 486 -11.76 23.24 -6.28
N PHE A 487 -10.80 24.10 -5.93
CA PHE A 487 -10.03 24.95 -6.87
C PHE A 487 -8.55 24.80 -6.51
N SER A 488 -7.83 24.03 -7.31
CA SER A 488 -6.39 23.69 -7.09
C SER A 488 -5.69 23.64 -8.44
N PRO A 489 -5.66 24.78 -9.20
CA PRO A 489 -4.96 24.85 -10.47
C PRO A 489 -3.46 25.03 -10.27
N SER A 490 -2.71 25.02 -11.37
CA SER A 490 -1.24 25.28 -11.39
C SER A 490 -0.99 26.76 -11.05
N LEU A 491 0.26 27.09 -10.70
CA LEU A 491 0.70 28.48 -10.40
C LEU A 491 0.70 29.33 -11.69
N TYR A 492 0.45 28.74 -12.86
CA TYR A 492 0.39 29.46 -14.15
C TYR A 492 -1.02 29.95 -14.47
N ILE A 493 -2.00 29.68 -13.60
CA ILE A 493 -3.41 30.12 -13.83
C ILE A 493 -3.38 31.62 -14.12
N THR A 494 -3.99 32.05 -15.24
CA THR A 494 -4.00 33.47 -15.69
C THR A 494 -5.19 34.22 -15.10
N ASP A 495 -5.06 35.54 -15.01
CA ASP A 495 -6.14 36.46 -14.58
C ASP A 495 -7.40 36.21 -15.43
N GLU A 496 -7.23 36.04 -16.73
CA GLU A 496 -8.34 35.77 -17.68
C GLU A 496 -9.02 34.44 -17.30
N GLU A 497 -8.22 33.42 -16.95
CA GLU A 497 -8.74 32.08 -16.56
C GLU A 497 -9.55 32.23 -15.27
N ILE A 498 -9.09 33.03 -14.31
CA ILE A 498 -9.84 33.34 -13.05
C ILE A 498 -11.13 34.13 -13.36
N ASP A 499 -11.11 35.03 -14.36
CA ASP A 499 -12.31 35.82 -14.78
C ASP A 499 -13.37 34.86 -15.39
N ARG A 500 -12.96 33.98 -16.31
CA ARG A 500 -13.88 32.98 -16.93
C ARG A 500 -14.50 32.10 -15.82
N THR A 501 -13.70 31.74 -14.82
CA THR A 501 -14.16 30.89 -13.69
C THR A 501 -15.23 31.66 -12.91
N GLU A 502 -14.98 32.93 -12.59
CA GLU A 502 -15.96 33.80 -11.89
C GLU A 502 -17.29 33.81 -12.65
N THR A 503 -17.24 34.09 -13.95
CA THR A 503 -18.42 34.11 -14.87
C THR A 503 -19.14 32.77 -14.76
N ALA A 504 -18.40 31.66 -14.87
CA ALA A 504 -18.96 30.29 -14.81
C ALA A 504 -19.67 30.08 -13.46
N LEU A 505 -19.10 30.56 -12.35
CA LEU A 505 -19.68 30.31 -10.99
C LEU A 505 -20.94 31.19 -10.79
N ARG A 506 -20.92 32.43 -11.26
CA ARG A 506 -22.10 33.35 -11.12
C ARG A 506 -23.28 32.73 -11.88
N SER A 507 -23.01 32.22 -13.09
CA SER A 507 -23.98 31.49 -13.94
C SER A 507 -24.50 30.26 -13.19
N LEU A 508 -23.59 29.41 -12.69
CA LEU A 508 -23.95 28.18 -11.91
C LEU A 508 -24.84 28.54 -10.72
N PHE A 509 -24.44 29.52 -9.90
CA PHE A 509 -25.14 29.80 -8.61
C PHE A 509 -26.46 30.54 -8.87
N THR A 510 -26.57 31.28 -9.99
CA THR A 510 -27.86 31.86 -10.43
C THR A 510 -28.84 30.73 -10.77
N ALA A 511 -28.41 29.74 -11.55
CA ALA A 511 -29.23 28.58 -11.96
C ALA A 511 -29.69 27.82 -10.71
N LEU A 512 -28.81 27.66 -9.73
CA LEU A 512 -29.11 26.91 -8.47
C LEU A 512 -30.05 27.76 -7.60
N ARG A 513 -29.78 29.06 -7.45
CA ARG A 513 -30.72 30.02 -6.80
C ARG A 513 -32.11 29.86 -7.43
N ASP A 514 -32.22 29.81 -8.75
CA ASP A 514 -33.52 29.78 -9.48
C ASP A 514 -34.10 28.36 -9.52
N GLN A 515 -33.45 27.39 -8.86
CA GLN A 515 -33.88 25.96 -8.74
C GLN A 515 -34.23 25.39 -10.13
N ASP A 516 -33.37 25.68 -11.11
CA ASP A 516 -33.52 25.23 -12.51
C ASP A 516 -32.97 23.80 -12.65
N GLY A 517 -33.73 22.81 -12.19
CA GLY A 517 -33.34 21.40 -12.25
C GLY A 517 -33.20 20.86 -13.67
N ASP A 518 -34.04 21.34 -14.59
CA ASP A 518 -34.01 21.02 -16.04
C ASP A 518 -32.62 21.39 -16.59
N ARG A 519 -32.09 22.53 -16.20
CA ARG A 519 -30.81 23.03 -16.75
C ARG A 519 -29.62 22.35 -16.05
N LEU A 520 -29.71 22.03 -14.76
CA LEU A 520 -28.55 21.60 -13.94
C LEU A 520 -28.40 20.08 -14.00
N VAL A 521 -29.51 19.35 -14.03
CA VAL A 521 -29.53 17.86 -13.97
C VAL A 521 -29.94 17.29 -15.32
N LEU A 522 -29.08 16.48 -15.92
CA LEU A 522 -29.29 15.82 -17.22
C LEU A 522 -30.45 14.82 -17.08
N SER A 523 -31.36 14.82 -18.06
CA SER A 523 -32.50 13.88 -18.23
C SER A 523 -32.02 12.56 -18.86
N GLY B 6 31.61 10.86 10.69
CA GLY B 6 30.28 11.27 11.22
C GLY B 6 29.71 12.46 10.47
N GLU B 7 29.80 12.47 9.12
CA GLU B 7 29.23 13.56 8.30
C GLU B 7 27.70 13.37 8.30
N PRO B 8 26.89 14.45 8.17
CA PRO B 8 25.44 14.27 8.09
C PRO B 8 25.07 13.38 6.90
N VAL B 9 24.17 12.42 7.13
CA VAL B 9 23.64 11.53 6.07
C VAL B 9 22.11 11.54 6.19
N TYR B 10 21.40 11.49 5.06
CA TYR B 10 19.96 11.85 4.97
C TYR B 10 19.11 10.66 4.49
N ALA B 11 19.77 9.57 4.12
CA ALA B 11 19.18 8.33 3.58
C ALA B 11 20.28 7.28 3.42
N ASP B 12 19.94 6.01 3.64
CA ASP B 12 20.71 4.82 3.18
C ASP B 12 22.03 4.59 3.93
N ALA B 13 22.30 5.19 5.09
CA ALA B 13 23.62 4.98 5.76
C ALA B 13 23.75 3.49 6.14
N VAL B 14 22.72 2.91 6.76
CA VAL B 14 22.74 1.47 7.17
C VAL B 14 22.74 0.59 5.92
N LEU B 15 21.87 0.87 4.95
CA LEU B 15 21.84 0.11 3.68
C LEU B 15 23.21 0.10 3.01
N ASN B 16 23.84 1.26 2.85
CA ASN B 16 25.10 1.42 2.07
C ASN B 16 26.26 0.73 2.80
N GLY B 17 26.33 0.87 4.12
CA GLY B 17 27.32 0.15 4.96
C GLY B 17 27.16 -1.35 4.80
N TRP B 18 25.92 -1.85 4.85
CA TRP B 18 25.66 -3.29 4.70
C TRP B 18 26.05 -3.75 3.29
N LEU B 19 25.66 -3.02 2.24
CA LEU B 19 26.00 -3.35 0.82
C LEU B 19 27.52 -3.45 0.69
N THR B 20 28.26 -2.52 1.32
CA THR B 20 29.75 -2.45 1.20
C THR B 20 30.33 -3.75 1.75
N SER B 21 29.90 -4.13 2.96
CA SER B 21 30.37 -5.35 3.67
C SER B 21 30.03 -6.61 2.89
N MET B 22 28.96 -6.62 2.07
CA MET B 22 28.56 -7.82 1.28
C MET B 22 29.36 -7.90 -0.01
N GLY B 23 30.06 -6.82 -0.37
CA GLY B 23 30.75 -6.71 -1.67
C GLY B 23 29.80 -6.23 -2.76
N LEU B 24 28.73 -5.51 -2.41
CA LEU B 24 27.69 -5.08 -3.38
C LEU B 24 27.60 -3.56 -3.42
N GLY B 25 28.59 -2.87 -2.86
CA GLY B 25 28.57 -1.40 -2.71
C GLY B 25 29.01 -0.75 -4.00
N VAL B 26 28.16 -0.74 -5.02
CA VAL B 26 28.48 -0.19 -6.35
C VAL B 26 27.32 0.73 -6.77
N GLU B 27 27.60 1.74 -7.59
CA GLU B 27 26.56 2.62 -8.17
C GLU B 27 26.52 2.37 -9.67
N TYR B 28 25.38 1.89 -10.17
CA TYR B 28 25.15 1.70 -11.63
C TYR B 28 24.68 3.05 -12.19
N VAL B 29 25.34 3.53 -13.25
CA VAL B 29 25.13 4.91 -13.78
C VAL B 29 24.38 4.86 -15.11
N ARG B 30 24.31 3.70 -15.74
CA ARG B 30 23.68 3.53 -17.06
C ARG B 30 23.32 2.06 -17.23
N ALA B 31 22.34 1.77 -18.07
CA ALA B 31 21.87 0.40 -18.31
C ALA B 31 21.24 0.29 -19.69
N GLU B 32 21.48 -0.82 -20.37
CA GLU B 32 20.81 -1.17 -21.64
C GLU B 32 20.85 -2.70 -21.78
N GLY B 33 19.73 -3.27 -22.20
CA GLY B 33 19.54 -4.71 -22.33
C GLY B 33 19.85 -5.40 -21.02
N ASN B 34 20.78 -6.36 -21.05
CA ASN B 34 21.11 -7.23 -19.91
C ASN B 34 22.30 -6.65 -19.16
N THR B 35 22.73 -5.43 -19.50
CA THR B 35 23.97 -4.83 -18.96
C THR B 35 23.66 -3.57 -18.16
N VAL B 36 24.19 -3.53 -16.93
CA VAL B 36 24.30 -2.31 -16.10
C VAL B 36 25.79 -1.96 -16.03
N TYR B 37 26.10 -0.67 -15.97
CA TYR B 37 27.49 -0.16 -15.96
C TYR B 37 27.74 0.63 -14.67
N TYR B 38 28.89 0.36 -14.03
CA TYR B 38 29.44 1.21 -12.94
C TYR B 38 30.77 1.79 -13.42
N LEU B 39 31.29 2.73 -12.64
CA LEU B 39 32.50 3.51 -13.01
C LEU B 39 33.67 2.96 -12.21
N ASP B 40 34.80 2.64 -12.87
CA ASP B 40 36.10 2.32 -12.19
C ASP B 40 36.67 3.61 -11.57
N ASP B 41 37.83 3.52 -10.94
CA ASP B 41 38.53 4.64 -10.25
C ASP B 41 38.94 5.72 -11.27
N GLU B 42 39.07 5.37 -12.54
CA GLU B 42 39.32 6.32 -13.66
C GLU B 42 38.01 6.91 -14.20
N GLY B 43 36.84 6.44 -13.74
CA GLY B 43 35.52 6.90 -14.23
C GLY B 43 35.15 6.33 -15.60
N ARG B 44 35.74 5.20 -16.00
CA ARG B 44 35.31 4.47 -17.23
C ARG B 44 34.22 3.45 -16.85
N GLU B 45 33.29 3.23 -17.75
CA GLU B 45 32.17 2.28 -17.61
C GLU B 45 32.71 0.85 -17.54
N VAL B 46 32.40 0.10 -16.48
CA VAL B 46 32.59 -1.38 -16.41
C VAL B 46 31.23 -2.07 -16.66
N PRO B 47 31.09 -2.91 -17.70
CA PRO B 47 29.83 -3.60 -17.96
C PRO B 47 29.62 -4.75 -16.97
N VAL B 48 28.39 -4.91 -16.47
CA VAL B 48 27.98 -6.00 -15.52
C VAL B 48 26.74 -6.68 -16.08
N LEU B 49 26.76 -8.00 -16.16
CA LEU B 49 25.59 -8.81 -16.60
C LEU B 49 24.57 -8.88 -15.45
N ASP B 50 23.33 -8.47 -15.73
CA ASP B 50 22.25 -8.35 -14.72
C ASP B 50 21.33 -9.58 -14.81
N HIS B 51 21.45 -10.47 -13.83
CA HIS B 51 20.55 -11.63 -13.62
C HIS B 51 19.42 -11.29 -12.63
N ALA B 52 19.41 -10.08 -12.05
CA ALA B 52 18.32 -9.64 -11.14
C ALA B 52 17.23 -8.96 -11.99
N CYS B 53 17.61 -7.97 -12.81
CA CYS B 53 16.72 -7.34 -13.81
C CYS B 53 15.42 -6.86 -13.13
N GLY B 54 15.58 -6.06 -12.06
CA GLY B 54 14.48 -5.56 -11.22
C GLY B 54 13.61 -6.70 -10.73
N PHE B 55 14.24 -7.74 -10.20
CA PHE B 55 13.62 -8.98 -9.67
C PHE B 55 12.67 -9.56 -10.73
N GLY B 56 13.06 -9.52 -12.01
CA GLY B 56 12.29 -10.13 -13.11
C GLY B 56 11.35 -9.15 -13.81
N SER B 57 11.33 -7.87 -13.41
CA SER B 57 10.53 -6.82 -14.11
C SER B 57 11.02 -6.66 -15.56
N LEU B 58 12.31 -6.82 -15.83
CA LEU B 58 12.89 -6.42 -17.13
C LEU B 58 12.94 -7.62 -18.08
N ILE B 59 11.78 -8.17 -18.41
CA ILE B 59 11.66 -9.27 -19.40
C ILE B 59 12.23 -8.81 -20.75
N PHE B 60 12.07 -7.54 -21.11
CA PHE B 60 12.63 -6.89 -22.32
C PHE B 60 14.00 -6.23 -22.04
N GLY B 61 14.52 -6.37 -20.83
CA GLY B 61 15.79 -5.74 -20.40
C GLY B 61 15.65 -4.27 -20.03
N HIS B 62 16.75 -3.67 -19.61
CA HIS B 62 16.83 -2.25 -19.24
C HIS B 62 16.59 -1.36 -20.48
N ASN B 63 15.66 -0.42 -20.37
CA ASN B 63 15.57 0.72 -21.32
C ASN B 63 15.45 0.20 -22.76
N HIS B 64 14.51 -0.71 -23.02
CA HIS B 64 14.29 -1.27 -24.37
C HIS B 64 14.02 -0.10 -25.32
N PRO B 65 14.76 0.00 -26.45
CA PRO B 65 14.58 1.10 -27.39
C PRO B 65 13.13 1.36 -27.84
N GLU B 66 12.33 0.32 -28.05
CA GLU B 66 10.89 0.43 -28.46
C GLU B 66 10.06 1.07 -27.34
N ILE B 67 10.32 0.66 -26.10
CA ILE B 67 9.58 1.18 -24.91
C ILE B 67 9.99 2.65 -24.69
N ILE B 68 11.29 2.94 -24.77
CA ILE B 68 11.85 4.30 -24.60
C ILE B 68 11.28 5.22 -25.68
N ALA B 69 11.29 4.79 -26.94
CA ALA B 69 10.74 5.58 -28.08
C ALA B 69 9.24 5.80 -27.87
N HIS B 70 8.50 4.78 -27.42
CA HIS B 70 7.04 4.91 -27.15
C HIS B 70 6.82 5.92 -26.02
N ALA B 71 7.61 5.85 -24.94
CA ALA B 71 7.41 6.71 -23.76
C ALA B 71 7.67 8.18 -24.14
N LYS B 72 8.71 8.44 -24.92
CA LYS B 72 9.04 9.80 -25.41
C LYS B 72 7.96 10.32 -26.36
N ALA B 73 7.44 9.48 -27.27
CA ALA B 73 6.33 9.86 -28.16
C ALA B 73 5.10 10.22 -27.30
N ALA B 74 4.80 9.42 -26.28
CA ALA B 74 3.66 9.65 -25.36
C ALA B 74 3.82 11.00 -24.65
N LEU B 75 5.03 11.30 -24.14
CA LEU B 75 5.27 12.58 -23.46
C LEU B 75 5.15 13.72 -24.49
N ASP B 76 5.69 13.53 -25.71
CA ASP B 76 5.71 14.58 -26.75
C ASP B 76 4.27 14.89 -27.18
N ALA B 77 3.38 13.90 -27.17
CA ALA B 77 1.95 14.02 -27.54
C ALA B 77 1.10 14.72 -26.48
N GLY B 78 1.64 15.07 -25.31
CA GLY B 78 0.82 15.67 -24.22
C GLY B 78 -0.26 14.71 -23.72
N THR B 79 0.10 13.44 -23.58
CA THR B 79 -0.73 12.41 -22.89
C THR B 79 -1.30 12.98 -21.59
N VAL B 80 -2.57 12.71 -21.33
CA VAL B 80 -3.24 13.16 -20.08
C VAL B 80 -2.93 12.13 -18.99
N VAL B 81 -2.03 12.49 -18.10
CA VAL B 81 -1.56 11.58 -17.04
C VAL B 81 -2.62 11.61 -15.95
N HIS B 82 -3.03 12.83 -15.60
CA HIS B 82 -4.03 13.11 -14.54
C HIS B 82 -5.35 13.50 -15.17
N ALA B 83 -6.28 12.55 -15.25
CA ALA B 83 -7.66 12.71 -15.76
C ALA B 83 -8.65 12.00 -14.83
N GLN B 84 -8.50 12.15 -13.53
CA GLN B 84 -9.33 11.43 -12.54
C GLN B 84 -10.80 11.86 -12.75
N LEU B 85 -11.74 10.93 -12.56
CA LEU B 85 -13.21 11.17 -12.72
C LEU B 85 -13.49 11.77 -14.11
N SER B 86 -12.91 11.15 -15.13
CA SER B 86 -13.26 11.33 -16.56
C SER B 86 -13.17 9.95 -17.24
N ARG B 87 -13.63 9.86 -18.49
CA ARG B 87 -13.58 8.61 -19.27
C ARG B 87 -12.14 8.35 -19.70
N GLN B 88 -11.62 7.20 -19.32
CA GLN B 88 -10.24 6.75 -19.64
C GLN B 88 -10.36 5.37 -20.29
N PRO B 89 -10.67 5.29 -21.62
CA PRO B 89 -10.96 4.03 -22.27
C PRO B 89 -9.75 3.08 -22.30
N ARG B 90 -8.54 3.57 -22.09
CA ARG B 90 -7.34 2.70 -22.14
C ARG B 90 -7.38 1.63 -21.05
N ALA B 91 -8.06 1.90 -19.93
CA ALA B 91 -8.21 0.89 -18.85
C ALA B 91 -9.02 -0.28 -19.38
N ASN B 92 -10.15 0.01 -20.02
CA ASN B 92 -11.01 -1.03 -20.67
C ASN B 92 -10.22 -1.73 -21.78
N GLN B 93 -9.44 -1.01 -22.59
CA GLN B 93 -8.63 -1.65 -23.68
C GLN B 93 -7.60 -2.61 -23.07
N ILE B 94 -6.88 -2.19 -22.03
CA ILE B 94 -5.87 -3.05 -21.36
C ILE B 94 -6.59 -4.28 -20.83
N SER B 95 -7.71 -4.10 -20.13
CA SER B 95 -8.45 -5.24 -19.51
C SER B 95 -8.89 -6.22 -20.59
N ARG B 96 -9.35 -5.70 -21.73
CA ARG B 96 -9.83 -6.55 -22.85
C ARG B 96 -8.68 -7.44 -23.36
N ILE B 97 -7.48 -6.90 -23.54
CA ILE B 97 -6.28 -7.68 -23.98
C ILE B 97 -5.95 -8.76 -22.94
N LEU B 98 -5.88 -8.40 -21.65
CA LEU B 98 -5.57 -9.40 -20.59
C LEU B 98 -6.64 -10.48 -20.60
N ASN B 99 -7.90 -10.11 -20.77
CA ASN B 99 -9.04 -11.06 -20.86
C ASN B 99 -8.82 -12.03 -22.05
N ASP B 100 -8.47 -11.52 -23.22
CA ASP B 100 -8.27 -12.31 -24.46
C ASP B 100 -7.06 -13.23 -24.26
N ILE B 101 -5.98 -12.73 -23.66
CA ILE B 101 -4.77 -13.55 -23.40
C ILE B 101 -5.15 -14.68 -22.45
N MET B 102 -5.87 -14.40 -21.35
CA MET B 102 -6.17 -15.51 -20.41
C MET B 102 -7.08 -16.54 -21.09
N ARG B 103 -8.05 -16.08 -21.88
CA ARG B 103 -8.94 -16.98 -22.66
C ARG B 103 -8.09 -17.94 -23.51
N ARG B 104 -7.13 -17.39 -24.27
CA ARG B 104 -6.22 -18.20 -25.13
C ARG B 104 -5.41 -19.17 -24.27
N GLU B 105 -4.83 -18.72 -23.17
CA GLU B 105 -3.89 -19.57 -22.38
C GLU B 105 -4.63 -20.61 -21.54
N THR B 106 -5.85 -20.36 -21.08
CA THR B 106 -6.60 -21.32 -20.22
C THR B 106 -7.61 -22.12 -21.06
N GLY B 107 -8.02 -21.59 -22.22
CA GLY B 107 -9.14 -22.12 -23.01
C GLY B 107 -10.51 -21.86 -22.37
N ARG B 108 -10.62 -20.99 -21.36
CA ARG B 108 -11.91 -20.67 -20.68
C ARG B 108 -12.41 -19.30 -21.15
N ASP B 109 -13.66 -19.19 -21.62
CA ASP B 109 -14.28 -17.93 -22.11
C ASP B 109 -14.86 -17.17 -20.91
N ASP B 110 -14.03 -16.84 -19.91
CA ASP B 110 -14.36 -16.10 -18.65
C ASP B 110 -14.04 -14.62 -18.82
N ARG B 111 -14.75 -13.76 -18.11
CA ARG B 111 -14.53 -12.30 -18.22
C ARG B 111 -14.17 -11.73 -16.84
N TYR B 112 -13.23 -10.80 -16.82
CA TYR B 112 -12.63 -10.17 -15.62
C TYR B 112 -12.78 -8.65 -15.76
N ASN B 113 -13.24 -7.99 -14.70
CA ASN B 113 -13.12 -6.53 -14.56
C ASN B 113 -11.72 -6.19 -14.05
N ALA B 114 -11.19 -5.06 -14.53
CA ALA B 114 -9.85 -4.54 -14.14
C ALA B 114 -10.02 -3.35 -13.19
N ILE B 115 -9.18 -3.33 -12.16
CA ILE B 115 -8.95 -2.15 -11.28
C ILE B 115 -7.44 -1.94 -11.22
N PHE B 116 -6.98 -0.73 -11.54
CA PHE B 116 -5.55 -0.38 -11.67
C PHE B 116 -5.04 0.16 -10.33
N ALA B 117 -3.78 -0.07 -10.02
CA ALA B 117 -3.11 0.55 -8.86
C ALA B 117 -1.64 0.82 -9.18
N ASN B 118 -0.79 1.09 -8.18
CA ASN B 118 0.55 1.69 -8.45
C ASN B 118 1.67 0.66 -8.22
N SER B 119 1.38 -0.43 -7.51
CA SER B 119 2.37 -1.44 -7.07
C SER B 119 1.66 -2.79 -6.95
N GLY B 120 2.43 -3.87 -6.99
CA GLY B 120 1.93 -5.23 -6.75
C GLY B 120 1.15 -5.34 -5.43
N ALA B 121 1.71 -4.76 -4.35
CA ALA B 121 1.09 -4.77 -3.02
C ALA B 121 -0.31 -4.13 -3.10
N GLU B 122 -0.46 -2.99 -3.78
CA GLU B 122 -1.78 -2.31 -3.91
C GLU B 122 -2.77 -3.15 -4.75
N ALA B 123 -2.32 -3.85 -5.79
CA ALA B 123 -3.24 -4.74 -6.54
C ALA B 123 -3.73 -5.86 -5.63
N ASN B 124 -2.82 -6.45 -4.85
CA ASN B 124 -3.14 -7.48 -3.84
C ASN B 124 -4.12 -6.93 -2.79
N GLU B 125 -3.91 -5.70 -2.34
CA GLU B 125 -4.78 -5.04 -1.35
C GLU B 125 -6.19 -4.85 -1.93
N ILE B 126 -6.29 -4.49 -3.21
CA ILE B 126 -7.62 -4.36 -3.89
C ILE B 126 -8.33 -5.72 -3.80
N CYS B 127 -7.61 -6.84 -3.96
CA CYS B 127 -8.21 -8.18 -3.89
C CYS B 127 -8.69 -8.47 -2.46
N MET B 128 -7.90 -8.08 -1.44
CA MET B 128 -8.30 -8.26 -0.02
C MET B 128 -9.62 -7.52 0.22
N LYS B 129 -9.75 -6.31 -0.30
CA LYS B 129 -10.94 -5.44 -0.11
C LYS B 129 -12.14 -6.12 -0.78
N HIS B 130 -12.01 -6.49 -2.04
CA HIS B 130 -13.16 -7.03 -2.82
C HIS B 130 -13.58 -8.35 -2.18
N ALA B 131 -12.61 -9.19 -1.77
CA ALA B 131 -12.85 -10.46 -1.07
C ALA B 131 -13.66 -10.18 0.20
N GLU B 132 -13.30 -9.13 0.93
CA GLU B 132 -14.00 -8.83 2.20
C GLU B 132 -15.40 -8.32 1.90
N LEU B 133 -15.64 -7.63 0.79
CA LEU B 133 -17.04 -7.25 0.40
C LEU B 133 -17.85 -8.52 0.10
N GLU B 134 -17.24 -9.51 -0.56
CA GLU B 134 -17.95 -10.80 -0.84
C GLU B 134 -18.30 -11.50 0.47
N ARG B 135 -17.37 -11.52 1.43
CA ARG B 135 -17.59 -12.23 2.72
C ARG B 135 -18.77 -11.57 3.44
N GLN B 136 -18.83 -10.23 3.43
CA GLN B 136 -19.92 -9.45 4.07
C GLN B 136 -21.27 -9.76 3.41
N GLU B 137 -21.32 -9.85 2.09
CA GLU B 137 -22.56 -10.28 1.38
C GLU B 137 -22.97 -11.67 1.89
N ARG B 138 -22.03 -12.61 1.99
CA ARG B 138 -22.32 -13.98 2.47
C ARG B 138 -22.85 -13.88 3.92
N ILE B 139 -22.23 -13.06 4.78
CA ILE B 139 -22.65 -12.90 6.21
C ILE B 139 -24.08 -12.34 6.22
N THR B 140 -24.37 -11.31 5.43
CA THR B 140 -25.72 -10.69 5.32
C THR B 140 -26.74 -11.78 4.98
N ALA B 141 -26.50 -12.61 3.96
CA ALA B 141 -27.44 -13.67 3.52
C ALA B 141 -27.63 -14.69 4.65
N LEU B 142 -26.54 -15.11 5.30
CA LEU B 142 -26.62 -16.11 6.39
C LEU B 142 -27.48 -15.54 7.54
N PHE B 143 -27.28 -14.27 7.89
CA PHE B 143 -27.97 -13.64 9.04
C PHE B 143 -29.44 -13.38 8.69
N ALA B 144 -29.78 -13.05 7.44
CA ALA B 144 -31.18 -12.97 6.96
C ALA B 144 -31.90 -14.30 7.21
N GLU B 145 -31.25 -15.41 6.87
CA GLU B 145 -31.79 -16.77 7.04
C GLU B 145 -31.97 -17.09 8.54
N ILE B 146 -30.99 -16.72 9.36
CA ILE B 146 -31.03 -16.98 10.83
C ILE B 146 -32.18 -16.16 11.44
N ASP B 147 -32.34 -14.90 11.00
CA ASP B 147 -33.44 -14.00 11.42
C ASP B 147 -34.78 -14.70 11.19
N ALA B 148 -35.05 -15.20 9.98
CA ALA B 148 -36.28 -15.93 9.62
C ALA B 148 -36.40 -17.22 10.48
N GLU B 149 -35.32 -17.97 10.67
CA GLU B 149 -35.33 -19.20 11.52
C GLU B 149 -35.70 -18.83 12.97
N LEU B 150 -35.25 -17.67 13.47
CA LEU B 150 -35.52 -17.23 14.86
C LEU B 150 -37.01 -16.87 14.98
N ASP B 151 -37.55 -16.16 13.97
CA ASP B 151 -38.96 -15.68 13.95
C ASP B 151 -39.90 -16.89 13.91
N THR B 152 -39.64 -17.90 13.07
CA THR B 152 -40.39 -19.18 13.02
C THR B 152 -40.35 -19.87 14.39
N ALA B 153 -39.17 -19.98 14.99
CA ALA B 153 -38.94 -20.67 16.28
C ALA B 153 -39.69 -19.95 17.41
N ARG B 154 -39.70 -18.61 17.41
CA ARG B 154 -40.37 -17.78 18.45
C ARG B 154 -41.90 -17.98 18.35
N GLU B 155 -42.45 -17.85 17.14
CA GLU B 155 -43.90 -17.95 16.82
C GLU B 155 -44.41 -19.36 17.18
N ALA B 156 -43.56 -20.39 17.15
CA ALA B 156 -43.91 -21.78 17.49
C ALA B 156 -43.80 -22.02 19.01
N LEU B 157 -42.85 -21.34 19.67
CA LEU B 157 -42.57 -21.51 21.13
C LEU B 157 -43.53 -20.62 21.94
N THR B 158 -44.23 -19.69 21.29
CA THR B 158 -45.39 -18.94 21.87
C THR B 158 -46.69 -19.50 21.24
N THR B 159 -46.72 -20.81 21.01
CA THR B 159 -47.85 -21.66 20.50
C THR B 159 -47.48 -23.11 20.87
N GLY B 160 -47.46 -24.08 19.94
CA GLY B 160 -47.28 -25.50 20.27
C GLY B 160 -45.95 -26.06 19.78
N THR B 161 -44.89 -25.88 20.58
CA THR B 161 -43.56 -26.56 20.45
C THR B 161 -42.71 -26.32 21.71
N ALA B 162 -41.91 -27.30 22.11
CA ALA B 162 -40.99 -27.26 23.28
C ALA B 162 -39.53 -27.14 22.78
N THR B 163 -38.70 -26.34 23.46
CA THR B 163 -37.23 -26.29 23.21
C THR B 163 -36.58 -27.52 23.89
N LEU B 164 -35.57 -28.13 23.25
CA LEU B 164 -34.77 -29.26 23.79
C LEU B 164 -33.70 -28.70 24.74
N ASP B 165 -32.91 -29.56 25.39
CA ASP B 165 -31.90 -29.22 26.42
C ASP B 165 -30.80 -28.24 25.98
N THR B 166 -30.41 -28.23 24.68
CA THR B 166 -29.08 -27.77 24.17
C THR B 166 -28.87 -26.26 24.31
N ALA B 167 -29.33 -25.64 25.40
CA ALA B 167 -29.05 -24.23 25.78
C ALA B 167 -27.55 -24.06 26.05
N SER B 168 -26.82 -25.16 26.27
CA SER B 168 -25.34 -25.21 26.42
C SER B 168 -24.64 -24.28 25.42
N LEU B 169 -24.94 -24.42 24.12
CA LEU B 169 -24.18 -23.78 23.01
C LEU B 169 -24.15 -22.25 23.17
N PRO B 170 -25.23 -21.57 23.64
CA PRO B 170 -25.07 -20.25 24.25
C PRO B 170 -24.70 -20.40 25.73
N GLY B 174 -25.96 -21.23 28.89
CA GLY B 174 -27.16 -22.08 28.73
C GLY B 174 -28.16 -21.89 29.85
N GLY B 175 -28.57 -20.63 30.06
CA GLY B 175 -29.20 -20.16 31.31
C GLY B 175 -30.64 -20.62 31.55
N ALA B 176 -31.57 -19.66 31.46
CA ALA B 176 -32.98 -19.76 31.95
C ALA B 176 -33.79 -20.70 31.06
N GLY B 177 -33.57 -20.64 29.73
CA GLY B 177 -34.25 -21.48 28.73
C GLY B 177 -35.54 -20.83 28.25
N ASP B 178 -35.84 -19.60 28.71
CA ASP B 178 -37.03 -18.87 28.24
C ASP B 178 -36.75 -18.34 26.82
N VAL B 179 -37.79 -18.12 26.02
CA VAL B 179 -37.63 -17.89 24.55
C VAL B 179 -36.78 -16.63 24.32
N ASP B 180 -37.24 -15.48 24.84
CA ASP B 180 -36.60 -14.14 24.64
C ASP B 180 -35.14 -14.18 25.12
N GLY B 181 -34.83 -14.94 26.18
CA GLY B 181 -33.49 -15.06 26.78
C GLY B 181 -32.53 -15.87 25.91
N VAL B 182 -32.97 -17.00 25.37
CA VAL B 182 -32.13 -17.87 24.48
C VAL B 182 -31.81 -17.08 23.21
N ILE B 183 -32.79 -16.38 22.66
CA ILE B 183 -32.66 -15.54 21.43
C ILE B 183 -31.68 -14.40 21.70
N ALA B 184 -31.83 -13.68 22.83
CA ALA B 184 -30.90 -12.60 23.26
C ALA B 184 -29.48 -13.13 23.29
N ASP B 185 -29.26 -14.32 23.87
CA ASP B 185 -27.94 -14.99 23.97
C ASP B 185 -27.43 -15.37 22.57
N ILE B 186 -28.32 -15.72 21.64
CA ILE B 186 -27.95 -16.12 20.25
C ILE B 186 -27.47 -14.87 19.51
N HIS B 187 -28.27 -13.79 19.53
CA HIS B 187 -27.93 -12.45 18.99
C HIS B 187 -26.54 -12.01 19.48
N ARG B 188 -26.27 -12.16 20.78
CA ARG B 188 -25.00 -11.71 21.42
C ARG B 188 -23.86 -12.60 20.92
N HIS B 189 -24.03 -13.92 20.97
CA HIS B 189 -22.98 -14.87 20.46
C HIS B 189 -22.68 -14.57 18.99
N ASN B 190 -23.72 -14.32 18.19
CA ASN B 190 -23.59 -14.11 16.73
C ASN B 190 -22.97 -12.74 16.46
N ASP B 191 -23.31 -11.72 17.25
CA ASP B 191 -22.74 -10.36 17.09
C ASP B 191 -21.23 -10.41 17.34
N GLU B 192 -20.76 -11.23 18.29
CA GLU B 192 -19.32 -11.40 18.59
C GLU B 192 -18.60 -12.03 17.39
N ARG B 193 -19.12 -13.14 16.88
CA ARG B 193 -18.54 -13.83 15.69
C ARG B 193 -18.47 -12.82 14.54
N ARG B 194 -19.51 -12.04 14.35
CA ARG B 194 -19.64 -11.13 13.19
C ARG B 194 -18.68 -9.96 13.34
N ALA B 195 -18.26 -9.61 14.55
CA ALA B 195 -17.30 -8.51 14.82
C ALA B 195 -15.88 -8.98 14.48
N GLU B 196 -15.63 -10.30 14.42
CA GLU B 196 -14.24 -10.79 14.21
C GLU B 196 -13.71 -10.35 12.85
N ARG B 197 -12.41 -10.04 12.78
CA ARG B 197 -11.72 -9.61 11.55
C ARG B 197 -11.66 -10.79 10.59
N PRO B 198 -11.64 -10.58 9.27
CA PRO B 198 -11.48 -11.69 8.32
C PRO B 198 -10.15 -12.42 8.44
N LEU B 199 -10.13 -13.71 8.16
CA LEU B 199 -8.89 -14.50 8.05
C LEU B 199 -8.55 -14.70 6.57
N PHE B 200 -7.28 -14.44 6.23
CA PHE B 200 -6.71 -14.68 4.89
C PHE B 200 -5.83 -15.91 5.01
N LEU B 201 -5.99 -16.83 4.05
CA LEU B 201 -5.10 -18.02 3.95
C LEU B 201 -4.08 -17.69 2.86
N THR B 202 -2.82 -17.97 3.10
CA THR B 202 -1.76 -17.72 2.08
C THR B 202 -0.84 -18.94 2.01
N LEU B 203 -0.49 -19.35 0.79
CA LEU B 203 0.45 -20.48 0.52
C LEU B 203 1.86 -19.94 0.49
N ASP B 204 2.36 -19.57 1.67
CA ASP B 204 3.71 -19.00 1.89
C ASP B 204 3.86 -17.83 0.95
N GLY B 205 2.86 -16.94 0.90
CA GLY B 205 2.80 -15.85 -0.07
C GLY B 205 3.74 -14.71 0.30
N SER B 206 4.37 -14.10 -0.70
CA SER B 206 5.27 -12.94 -0.51
C SER B 206 4.44 -11.71 -0.11
N PHE B 207 3.21 -11.60 -0.56
CA PHE B 207 2.35 -10.45 -0.19
C PHE B 207 2.19 -10.40 1.33
N HIS B 208 1.57 -11.43 1.92
CA HIS B 208 1.32 -11.48 3.40
C HIS B 208 2.66 -11.61 4.18
N GLY B 209 3.66 -12.26 3.59
CA GLY B 209 5.03 -12.30 4.12
C GLY B 209 5.54 -10.89 4.43
N LYS B 210 5.40 -9.97 3.46
CA LYS B 210 5.84 -8.56 3.58
C LYS B 210 4.91 -7.81 4.54
N LEU B 211 3.61 -8.08 4.47
CA LEU B 211 2.56 -7.41 5.27
C LEU B 211 2.83 -7.65 6.77
N VAL B 212 3.20 -8.87 7.16
CA VAL B 212 3.35 -9.20 8.60
C VAL B 212 4.78 -8.85 9.04
N GLY B 213 5.71 -8.65 8.09
CA GLY B 213 7.09 -8.21 8.35
C GLY B 213 8.09 -9.36 8.33
N SER B 214 7.68 -10.57 7.93
CA SER B 214 8.61 -11.72 7.84
C SER B 214 9.54 -11.53 6.64
N ILE B 215 9.04 -11.00 5.52
CA ILE B 215 9.86 -10.74 4.30
C ILE B 215 10.25 -9.27 4.28
N GLN B 216 11.55 -9.00 4.29
CA GLN B 216 12.14 -7.66 4.43
C GLN B 216 13.02 -7.43 3.21
N LEU B 217 13.65 -6.26 3.07
CA LEU B 217 14.47 -5.96 1.87
C LEU B 217 15.65 -6.93 1.80
N THR B 218 16.30 -7.25 2.92
CA THR B 218 17.59 -7.99 2.94
C THR B 218 17.50 -9.28 3.74
N GLN B 219 16.29 -9.70 4.10
CA GLN B 219 16.11 -10.99 4.83
C GLN B 219 14.65 -11.45 4.77
N ASN B 220 14.52 -12.76 4.95
CA ASN B 220 13.26 -13.53 4.98
C ASN B 220 13.32 -14.37 6.25
N GLU B 221 12.53 -14.00 7.27
CA GLU B 221 12.47 -14.65 8.60
C GLU B 221 11.02 -15.02 8.91
N PRO B 222 10.54 -16.20 8.48
CA PRO B 222 9.16 -16.60 8.76
C PRO B 222 8.75 -16.53 10.25
N TRP B 223 9.72 -16.62 11.15
CA TRP B 223 9.54 -16.63 12.63
C TRP B 223 9.35 -15.19 13.15
N ARG B 224 9.71 -14.19 12.36
CA ARG B 224 9.65 -12.75 12.74
C ARG B 224 8.42 -12.14 12.05
N THR B 225 7.37 -11.82 12.83
CA THR B 225 6.11 -11.23 12.32
C THR B 225 5.76 -10.00 13.15
N PRO B 226 6.58 -8.92 13.12
CA PRO B 226 6.35 -7.73 13.95
C PRO B 226 5.10 -6.89 13.62
N PHE B 227 4.52 -7.04 12.43
CA PHE B 227 3.41 -6.16 11.97
C PHE B 227 2.07 -6.90 11.84
N THR B 228 1.92 -8.08 12.44
CA THR B 228 0.64 -8.86 12.35
C THR B 228 -0.50 -8.01 12.90
N ALA B 229 -0.27 -7.19 13.94
CA ALA B 229 -1.32 -6.35 14.58
C ALA B 229 -1.76 -5.18 13.68
N LEU B 230 -1.06 -4.89 12.58
CA LEU B 230 -1.39 -3.78 11.63
C LEU B 230 -2.31 -4.26 10.49
N SER B 231 -2.50 -5.56 10.35
CA SER B 231 -3.21 -6.17 9.20
C SER B 231 -4.27 -7.15 9.70
N SER B 232 -5.12 -7.63 8.80
CA SER B 232 -6.07 -8.76 9.04
C SER B 232 -5.25 -10.00 9.40
N PRO B 233 -5.74 -10.88 10.28
CA PRO B 233 -5.06 -12.13 10.54
C PRO B 233 -4.82 -12.90 9.23
N ALA B 234 -3.65 -13.51 9.12
CA ALA B 234 -3.24 -14.36 8.00
C ALA B 234 -2.81 -15.70 8.58
N ARG B 235 -3.21 -16.79 7.96
CA ARG B 235 -2.76 -18.14 8.31
C ARG B 235 -1.90 -18.58 7.14
N PHE B 236 -0.64 -18.90 7.41
CA PHE B 236 0.35 -19.34 6.40
C PHE B 236 0.19 -20.86 6.30
N LEU B 237 -0.17 -21.35 5.12
CA LEU B 237 -0.34 -22.79 4.84
C LEU B 237 0.93 -23.31 4.21
N PRO B 238 1.37 -24.54 4.57
CA PRO B 238 2.60 -25.09 4.03
C PRO B 238 2.45 -25.60 2.58
N ALA B 239 2.94 -24.85 1.60
CA ALA B 239 2.83 -25.13 0.15
C ALA B 239 3.48 -26.47 -0.16
N ASP B 240 4.53 -26.82 0.58
CA ASP B 240 5.33 -28.04 0.37
C ASP B 240 4.56 -29.28 0.86
N GLU B 241 3.60 -29.12 1.77
CA GLU B 241 2.89 -30.27 2.43
C GLU B 241 1.38 -30.11 2.28
N PRO B 242 0.84 -30.19 1.04
CA PRO B 242 -0.59 -29.98 0.80
C PRO B 242 -1.49 -30.91 1.60
N GLU B 243 -0.98 -32.06 2.05
CA GLU B 243 -1.72 -33.07 2.87
C GLU B 243 -1.94 -32.54 4.30
N LEU B 244 -1.18 -31.54 4.76
CA LEU B 244 -1.35 -30.91 6.09
C LEU B 244 -2.40 -29.80 6.00
N ILE B 245 -2.64 -29.25 4.81
CA ILE B 245 -3.44 -28.01 4.64
C ILE B 245 -4.88 -28.24 5.12
N GLY B 246 -5.46 -29.41 4.83
CA GLY B 246 -6.89 -29.68 5.10
C GLY B 246 -7.19 -29.54 6.59
N LYS B 247 -6.34 -30.13 7.43
CA LYS B 247 -6.52 -30.13 8.91
C LYS B 247 -6.30 -28.70 9.45
N ILE B 248 -5.31 -27.97 8.95
CA ILE B 248 -5.06 -26.57 9.37
C ILE B 248 -6.32 -25.74 9.11
N VAL B 249 -6.95 -25.89 7.96
CA VAL B 249 -8.12 -25.06 7.59
C VAL B 249 -9.34 -25.52 8.41
N GLU B 250 -9.48 -26.84 8.62
CA GLU B 250 -10.54 -27.46 9.46
C GLU B 250 -10.53 -26.82 10.85
N ASP B 251 -9.35 -26.52 11.40
CA ASP B 251 -9.17 -25.92 12.76
C ASP B 251 -9.62 -24.47 12.79
N GLU B 252 -9.77 -23.80 11.64
CA GLU B 252 -10.22 -22.38 11.57
C GLU B 252 -11.76 -22.27 11.46
N ARG B 253 -12.47 -23.40 11.37
CA ARG B 253 -13.96 -23.41 11.32
C ARG B 253 -14.53 -22.70 12.55
N ARG B 254 -15.53 -21.86 12.36
CA ARG B 254 -16.30 -21.26 13.49
C ARG B 254 -17.78 -21.23 13.09
N SER B 255 -18.65 -21.19 14.11
CA SER B 255 -20.12 -21.33 13.96
C SER B 255 -20.82 -20.10 14.50
N VAL B 256 -21.96 -19.78 13.89
CA VAL B 256 -23.01 -18.95 14.55
C VAL B 256 -24.12 -19.92 14.98
N LEU B 257 -25.08 -19.40 15.74
CA LEU B 257 -26.12 -20.23 16.36
C LEU B 257 -27.47 -19.80 15.77
N THR B 258 -28.37 -20.76 15.71
CA THR B 258 -29.78 -20.50 15.32
C THR B 258 -30.68 -21.46 16.12
N LEU B 259 -31.98 -21.19 16.02
CA LEU B 259 -33.08 -22.05 16.49
C LEU B 259 -33.61 -22.84 15.29
N SER B 260 -33.46 -24.16 15.33
CA SER B 260 -34.01 -25.12 14.34
C SER B 260 -35.30 -25.74 14.88
N LEU B 261 -36.40 -25.59 14.14
CA LEU B 261 -37.74 -26.16 14.45
C LEU B 261 -37.92 -27.47 13.69
N ASP B 262 -38.04 -28.60 14.41
CA ASP B 262 -38.39 -29.92 13.83
C ASP B 262 -39.66 -30.44 14.52
N LYS B 263 -40.81 -30.32 13.84
CA LYS B 263 -42.15 -30.76 14.30
C LYS B 263 -42.50 -29.98 15.57
N ASP B 264 -42.30 -30.54 16.77
CA ASP B 264 -42.72 -29.92 18.05
C ASP B 264 -41.49 -29.65 18.93
N THR B 265 -40.29 -29.66 18.33
CA THR B 265 -39.00 -29.43 19.01
C THR B 265 -38.26 -28.28 18.33
N VAL B 266 -37.89 -27.25 19.10
CA VAL B 266 -36.90 -26.21 18.70
C VAL B 266 -35.58 -26.56 19.42
N ARG B 267 -34.49 -26.75 18.68
CA ARG B 267 -33.11 -26.95 19.21
C ARG B 267 -32.22 -25.77 18.82
N VAL B 268 -31.29 -25.39 19.70
CA VAL B 268 -30.16 -24.48 19.36
C VAL B 268 -29.16 -25.33 18.57
N VAL B 269 -28.75 -24.87 17.39
CA VAL B 269 -27.80 -25.61 16.51
C VAL B 269 -26.77 -24.63 15.92
N GLU B 270 -25.63 -25.19 15.58
CA GLU B 270 -24.50 -24.48 14.93
C GLU B 270 -24.67 -24.51 13.42
N ARG B 271 -24.44 -23.35 12.80
CA ARG B 271 -24.24 -23.18 11.34
C ARG B 271 -22.85 -22.60 11.11
N ASP B 272 -22.21 -23.06 10.04
CA ASP B 272 -20.88 -22.58 9.54
C ASP B 272 -20.96 -21.08 9.30
N PHE B 273 -19.93 -20.36 9.73
CA PHE B 273 -19.79 -18.91 9.51
C PHE B 273 -18.69 -18.69 8.46
N PRO B 274 -18.82 -17.71 7.56
CA PRO B 274 -17.73 -17.33 6.67
C PRO B 274 -16.57 -16.62 7.41
N VAL B 275 -15.58 -17.38 7.84
CA VAL B 275 -14.37 -16.91 8.57
C VAL B 275 -13.37 -16.36 7.56
N VAL B 276 -13.16 -17.11 6.48
CA VAL B 276 -12.06 -16.87 5.52
C VAL B 276 -12.54 -15.95 4.40
N ALA B 277 -11.83 -14.85 4.19
CA ALA B 277 -12.13 -13.88 3.11
C ALA B 277 -11.58 -14.40 1.78
N ALA B 278 -10.38 -14.99 1.77
CA ALA B 278 -9.68 -15.31 0.52
C ALA B 278 -8.52 -16.28 0.77
N ILE B 279 -8.16 -17.00 -0.27
CA ILE B 279 -6.94 -17.83 -0.40
C ILE B 279 -6.02 -17.12 -1.39
N PHE B 280 -4.78 -16.84 -0.96
CA PHE B 280 -3.73 -16.24 -1.82
C PHE B 280 -2.74 -17.34 -2.24
N VAL B 281 -2.43 -17.40 -3.53
CA VAL B 281 -1.38 -18.32 -4.08
C VAL B 281 -0.58 -17.56 -5.14
N GLU B 282 0.73 -17.77 -5.13
CA GLU B 282 1.64 -17.32 -6.21
C GLU B 282 2.01 -18.55 -7.02
N PRO B 283 1.83 -18.54 -8.35
CA PRO B 283 2.25 -19.67 -9.18
C PRO B 283 3.74 -20.02 -9.01
N VAL B 284 4.59 -18.99 -8.87
CA VAL B 284 6.03 -19.10 -8.53
C VAL B 284 6.26 -18.32 -7.23
N ARG B 285 6.81 -18.95 -6.19
CA ARG B 285 7.05 -18.31 -4.88
C ARG B 285 8.49 -17.80 -4.82
N GLY B 286 8.73 -16.56 -5.25
CA GLY B 286 10.03 -15.87 -5.12
C GLY B 286 10.63 -16.02 -3.72
N GLY B 287 9.81 -15.77 -2.69
CA GLY B 287 10.17 -15.80 -1.26
C GLY B 287 10.56 -17.19 -0.77
N SER B 288 10.18 -18.25 -1.50
CA SER B 288 10.55 -19.66 -1.22
C SER B 288 11.56 -20.17 -2.26
N GLY B 289 12.21 -19.25 -3.01
CA GLY B 289 13.29 -19.55 -3.96
C GLY B 289 12.81 -20.08 -5.30
N MET B 290 11.73 -19.51 -5.82
CA MET B 290 11.22 -19.70 -7.21
C MET B 290 10.58 -21.08 -7.36
N LYS B 291 10.01 -21.65 -6.30
CA LYS B 291 9.28 -22.94 -6.35
C LYS B 291 7.90 -22.73 -6.99
N THR B 292 7.56 -23.60 -7.93
CA THR B 292 6.27 -23.55 -8.65
C THR B 292 5.24 -24.40 -7.91
N VAL B 293 3.97 -24.03 -8.04
CA VAL B 293 2.83 -24.79 -7.50
C VAL B 293 2.78 -26.14 -8.21
N THR B 294 2.75 -27.22 -7.44
CA THR B 294 2.61 -28.61 -7.97
C THR B 294 1.16 -28.84 -8.35
N PRO B 295 0.87 -29.83 -9.24
CA PRO B 295 -0.51 -30.23 -9.50
C PRO B 295 -1.28 -30.59 -8.21
N GLU B 296 -0.63 -31.31 -7.29
CA GLU B 296 -1.21 -31.73 -5.98
C GLU B 296 -1.66 -30.47 -5.22
N LEU B 297 -0.84 -29.44 -5.18
CA LEU B 297 -1.16 -28.21 -4.41
C LEU B 297 -2.34 -27.50 -5.11
N ALA B 298 -2.29 -27.34 -6.43
CA ALA B 298 -3.37 -26.75 -7.23
C ALA B 298 -4.70 -27.44 -6.89
N GLU B 299 -4.74 -28.77 -6.89
CA GLU B 299 -5.94 -29.59 -6.57
C GLU B 299 -6.43 -29.26 -5.15
N GLU B 300 -5.54 -29.17 -4.17
CA GLU B 300 -5.90 -28.84 -2.77
C GLU B 300 -6.52 -27.44 -2.70
N LEU B 301 -6.00 -26.46 -3.44
CA LEU B 301 -6.50 -25.07 -3.44
C LEU B 301 -7.89 -25.01 -4.10
N HIS B 302 -8.05 -25.72 -5.22
CA HIS B 302 -9.38 -25.89 -5.88
C HIS B 302 -10.37 -26.42 -4.83
N ARG B 303 -9.99 -27.50 -4.13
CA ARG B 303 -10.86 -28.11 -3.10
C ARG B 303 -11.20 -27.06 -2.03
N LEU B 304 -10.19 -26.34 -1.53
CA LEU B 304 -10.38 -25.35 -0.44
C LEU B 304 -11.35 -24.28 -0.89
N ARG B 305 -11.13 -23.75 -2.09
CA ARG B 305 -11.92 -22.65 -2.66
C ARG B 305 -13.38 -23.10 -2.79
N ASP B 306 -13.60 -24.28 -3.39
CA ASP B 306 -14.97 -24.86 -3.58
C ASP B 306 -15.59 -25.08 -2.21
N THR B 307 -14.81 -25.49 -1.21
CA THR B 307 -15.31 -25.87 0.13
C THR B 307 -15.64 -24.61 0.94
N LEU B 308 -14.80 -23.56 0.90
CA LEU B 308 -14.99 -22.35 1.76
C LEU B 308 -15.97 -21.37 1.11
N GLY B 309 -16.05 -21.30 -0.21
CA GLY B 309 -16.91 -20.31 -0.90
C GLY B 309 -16.23 -18.95 -1.00
N CYS B 310 -14.96 -18.85 -0.66
CA CYS B 310 -14.18 -17.58 -0.77
C CYS B 310 -13.43 -17.63 -2.10
N PRO B 311 -12.97 -16.48 -2.65
CA PRO B 311 -12.16 -16.50 -3.86
C PRO B 311 -10.76 -17.05 -3.65
N LEU B 312 -10.26 -17.72 -4.69
CA LEU B 312 -8.83 -18.07 -4.85
C LEU B 312 -8.17 -16.91 -5.59
N VAL B 313 -7.31 -16.19 -4.88
CA VAL B 313 -6.60 -15.01 -5.46
C VAL B 313 -5.24 -15.50 -5.94
N VAL B 314 -5.00 -15.35 -7.23
CA VAL B 314 -3.73 -15.79 -7.86
C VAL B 314 -2.87 -14.53 -8.00
N ASP B 315 -1.85 -14.40 -7.15
CA ASP B 315 -0.93 -13.24 -7.09
C ASP B 315 0.24 -13.51 -8.03
N GLU B 316 0.27 -12.85 -9.18
CA GLU B 316 1.41 -13.00 -10.12
C GLU B 316 2.21 -11.69 -10.15
N VAL B 317 2.04 -10.78 -9.19
CA VAL B 317 2.67 -9.43 -9.27
C VAL B 317 4.20 -9.60 -9.22
N GLN B 318 4.71 -10.67 -8.61
CA GLN B 318 6.17 -10.86 -8.38
C GLN B 318 6.82 -11.68 -9.52
N THR B 319 6.08 -12.16 -10.51
CA THR B 319 6.62 -13.05 -11.57
C THR B 319 7.17 -12.21 -12.71
N GLY B 320 6.32 -11.37 -13.32
CA GLY B 320 6.68 -10.64 -14.55
C GLY B 320 6.02 -11.30 -15.74
N ILE B 321 5.17 -10.54 -16.44
CA ILE B 321 4.35 -11.10 -17.54
C ILE B 321 5.30 -11.77 -18.55
N GLY B 322 5.01 -13.03 -18.86
CA GLY B 322 5.65 -13.83 -19.92
C GLY B 322 6.83 -14.64 -19.41
N ARG B 323 7.26 -14.38 -18.18
CA ARG B 323 8.57 -14.87 -17.67
C ARG B 323 8.56 -16.39 -17.46
N THR B 324 7.42 -16.99 -17.12
CA THR B 324 7.29 -18.46 -16.94
C THR B 324 7.24 -19.19 -18.30
N GLY B 325 7.06 -18.48 -19.41
CA GLY B 325 6.89 -19.07 -20.75
C GLY B 325 5.44 -19.03 -21.23
N ALA B 326 4.53 -18.64 -20.34
CA ALA B 326 3.17 -18.15 -20.65
C ALA B 326 3.00 -16.74 -20.08
N PHE B 327 2.03 -15.98 -20.57
CA PHE B 327 1.72 -14.63 -20.01
C PHE B 327 1.39 -14.79 -18.53
N PHE B 328 0.48 -15.74 -18.23
CA PHE B 328 -0.02 -16.08 -16.86
C PHE B 328 0.63 -17.40 -16.42
N GLY B 329 1.47 -17.35 -15.37
CA GLY B 329 2.03 -18.54 -14.70
C GLY B 329 0.91 -19.48 -14.30
N SER B 330 -0.24 -18.95 -13.89
CA SER B 330 -1.40 -19.73 -13.42
C SER B 330 -1.94 -20.60 -14.57
N ALA B 331 -2.01 -20.09 -15.79
CA ALA B 331 -2.45 -20.84 -17.00
C ALA B 331 -1.49 -22.01 -17.22
N LEU B 332 -0.19 -21.76 -17.14
CA LEU B 332 0.86 -22.78 -17.31
C LEU B 332 0.67 -23.87 -16.26
N LEU B 333 0.33 -23.53 -15.02
CA LEU B 333 0.36 -24.52 -13.92
C LEU B 333 -1.04 -25.03 -13.60
N GLY B 334 -2.06 -24.63 -14.38
CA GLY B 334 -3.46 -25.06 -14.19
C GLY B 334 -4.03 -24.64 -12.83
N ILE B 335 -3.75 -23.41 -12.38
CA ILE B 335 -4.39 -22.84 -11.17
C ILE B 335 -5.63 -22.04 -11.61
N ARG B 336 -6.83 -22.47 -11.20
CA ARG B 336 -8.11 -21.86 -11.66
C ARG B 336 -8.53 -20.82 -10.63
N GLY B 337 -8.01 -19.61 -10.76
CA GLY B 337 -8.26 -18.53 -9.79
C GLY B 337 -9.59 -17.86 -10.06
N ASP B 338 -10.08 -17.11 -9.08
CA ASP B 338 -11.24 -16.19 -9.19
C ASP B 338 -10.72 -14.77 -9.46
N TYR B 339 -9.64 -14.37 -8.80
CA TYR B 339 -8.99 -13.05 -8.97
C TYR B 339 -7.53 -13.28 -9.38
N TYR B 340 -6.95 -12.35 -10.13
CA TYR B 340 -5.52 -12.40 -10.55
C TYR B 340 -4.89 -11.01 -10.38
N THR B 341 -3.63 -10.98 -9.96
CA THR B 341 -2.89 -9.71 -9.88
C THR B 341 -1.62 -9.77 -10.74
N LEU B 342 -1.33 -8.63 -11.38
CA LEU B 342 -0.12 -8.37 -12.21
C LEU B 342 0.54 -7.05 -11.77
N ALA B 343 1.85 -6.96 -11.95
CA ALA B 343 2.60 -5.68 -11.83
C ALA B 343 3.90 -5.74 -12.61
N LYS B 344 4.80 -6.62 -12.23
CA LYS B 344 6.15 -6.68 -12.84
C LYS B 344 6.03 -6.83 -14.36
N ALA B 345 6.81 -6.01 -15.06
CA ALA B 345 6.99 -5.94 -16.54
C ALA B 345 5.93 -5.06 -17.22
N ILE B 346 4.76 -4.79 -16.63
CA ILE B 346 3.69 -4.04 -17.35
C ILE B 346 4.05 -2.54 -17.41
N GLY B 347 4.99 -2.07 -16.59
CA GLY B 347 5.54 -0.70 -16.66
C GLY B 347 6.73 -0.57 -17.60
N GLY B 348 7.06 -1.63 -18.35
CA GLY B 348 8.10 -1.63 -19.39
C GLY B 348 9.49 -1.39 -18.80
N GLY B 349 9.66 -1.57 -17.49
CA GLY B 349 10.91 -1.25 -16.77
C GLY B 349 11.16 0.24 -16.61
N ILE B 350 10.18 1.10 -16.91
CA ILE B 350 10.40 2.57 -16.74
C ILE B 350 9.35 3.17 -15.80
N VAL B 351 8.09 2.67 -15.80
CA VAL B 351 7.01 3.29 -14.99
C VAL B 351 6.38 2.24 -14.05
N LYS B 352 5.37 2.67 -13.29
CA LYS B 352 4.78 1.88 -12.20
C LYS B 352 3.28 1.71 -12.47
N ASN B 353 2.83 0.47 -12.55
CA ASN B 353 1.42 0.14 -12.84
C ASN B 353 1.17 -1.25 -12.27
N SER B 354 -0.05 -1.50 -11.84
CA SER B 354 -0.48 -2.85 -11.40
C SER B 354 -1.96 -3.01 -11.70
N VAL B 355 -2.46 -4.24 -11.70
CA VAL B 355 -3.88 -4.48 -12.06
C VAL B 355 -4.40 -5.66 -11.25
N ALA B 356 -5.59 -5.52 -10.72
CA ALA B 356 -6.41 -6.62 -10.16
C ALA B 356 -7.47 -7.00 -11.20
N LEU B 357 -7.56 -8.28 -11.53
CA LEU B 357 -8.57 -8.87 -12.43
C LEU B 357 -9.51 -9.68 -11.55
N ILE B 358 -10.79 -9.34 -11.57
CA ILE B 358 -11.84 -9.95 -10.70
C ILE B 358 -12.94 -10.48 -11.61
N ARG B 359 -13.24 -11.79 -11.51
CA ARG B 359 -14.25 -12.47 -12.36
C ARG B 359 -15.54 -11.64 -12.27
N GLN B 360 -16.04 -11.23 -13.44
CA GLN B 360 -17.16 -10.26 -13.61
C GLN B 360 -18.43 -10.77 -12.93
N ASP B 361 -18.65 -12.07 -12.82
CA ASP B 361 -19.88 -12.61 -12.20
C ASP B 361 -19.77 -12.57 -10.66
N ARG B 362 -18.60 -12.27 -10.09
CA ARG B 362 -18.43 -12.07 -8.62
C ARG B 362 -18.27 -10.58 -8.31
N PHE B 363 -18.05 -9.76 -9.32
CA PHE B 363 -17.53 -8.38 -9.16
C PHE B 363 -18.62 -7.47 -8.57
N LEU B 364 -18.26 -6.74 -7.53
CA LEU B 364 -19.13 -5.75 -6.82
C LEU B 364 -18.74 -4.34 -7.28
N PRO B 365 -19.60 -3.73 -8.13
CA PRO B 365 -19.21 -2.53 -8.88
C PRO B 365 -18.77 -1.31 -8.04
N ALA B 366 -19.22 -1.23 -6.78
CA ALA B 366 -18.78 -0.21 -5.80
C ALA B 366 -17.25 -0.06 -5.86
N MET B 367 -16.57 -1.21 -5.90
CA MET B 367 -15.10 -1.36 -5.83
C MET B 367 -14.37 -0.41 -6.81
N GLU B 368 -14.98 -0.02 -7.95
CA GLU B 368 -14.29 0.75 -9.02
C GLU B 368 -14.61 2.26 -8.91
N VAL B 369 -15.51 2.68 -8.03
CA VAL B 369 -15.89 4.12 -7.94
C VAL B 369 -15.55 4.64 -6.55
N HIS B 371 -12.74 6.65 -4.93
CA HIS B 371 -11.33 7.09 -5.14
C HIS B 371 -10.40 6.28 -4.23
N SER B 372 -9.53 5.48 -4.85
CA SER B 372 -8.32 4.89 -4.22
C SER B 372 -7.12 5.34 -5.06
N SER B 373 -6.47 6.44 -4.65
CA SER B 373 -5.14 6.88 -5.16
C SER B 373 -5.31 7.85 -6.34
N THR B 374 -4.72 9.03 -6.20
CA THR B 374 -4.53 10.02 -7.28
C THR B 374 -3.73 9.41 -8.45
N PHE B 375 -2.68 8.65 -8.18
CA PHE B 375 -1.74 8.13 -9.21
C PHE B 375 -2.33 6.93 -9.96
N ALA B 376 -3.32 6.24 -9.39
CA ALA B 376 -3.83 4.98 -9.98
C ALA B 376 -4.49 5.28 -11.34
N LYS B 377 -4.27 4.42 -12.32
CA LYS B 377 -4.92 4.51 -13.65
C LYS B 377 -4.44 5.75 -14.41
N ASP B 378 -3.21 6.21 -14.14
CA ASP B 378 -2.60 7.40 -14.79
C ASP B 378 -2.48 7.12 -16.31
N GLY B 379 -2.57 8.16 -17.13
CA GLY B 379 -2.49 8.05 -18.60
C GLY B 379 -1.12 7.60 -19.12
N LEU B 380 -0.02 7.91 -18.43
CA LEU B 380 1.31 7.55 -18.99
C LEU B 380 1.57 6.05 -18.86
N SER B 381 1.36 5.49 -17.67
CA SER B 381 1.60 4.04 -17.46
C SER B 381 0.60 3.18 -18.29
N ALA B 382 -0.60 3.71 -18.53
CA ALA B 382 -1.65 3.03 -19.35
C ALA B 382 -1.16 2.92 -20.82
N SER B 383 -0.60 4.02 -21.37
CA SER B 383 -0.01 4.07 -22.74
C SER B 383 1.14 3.06 -22.81
N ILE B 384 2.00 3.04 -21.79
CA ILE B 384 3.19 2.15 -21.79
C ILE B 384 2.73 0.70 -21.68
N ALA B 385 1.71 0.41 -20.87
CA ALA B 385 1.18 -0.97 -20.72
C ALA B 385 0.67 -1.46 -22.10
N LEU B 386 -0.01 -0.60 -22.87
CA LEU B 386 -0.56 -1.03 -24.19
C LEU B 386 0.60 -1.37 -25.14
N LYS B 387 1.72 -0.63 -25.05
CA LYS B 387 2.93 -0.93 -25.84
C LYS B 387 3.55 -2.26 -25.41
N VAL B 388 3.66 -2.51 -24.10
CA VAL B 388 4.27 -3.77 -23.59
C VAL B 388 3.41 -4.95 -24.08
N LEU B 389 2.08 -4.83 -24.01
CA LEU B 389 1.15 -5.93 -24.39
C LEU B 389 1.27 -6.19 -25.90
N GLU B 390 1.40 -5.14 -26.70
CA GLU B 390 1.65 -5.28 -28.17
C GLU B 390 2.96 -6.07 -28.35
N MET B 391 4.03 -5.67 -27.65
CA MET B 391 5.37 -6.29 -27.82
C MET B 391 5.31 -7.76 -27.41
N VAL B 392 4.68 -8.06 -26.27
CA VAL B 392 4.71 -9.45 -25.73
C VAL B 392 3.85 -10.38 -26.63
N GLU B 393 2.86 -9.83 -27.35
CA GLU B 393 1.90 -10.59 -28.20
C GLU B 393 2.36 -10.66 -29.67
N ALA B 394 3.35 -9.86 -30.09
CA ALA B 394 3.81 -9.76 -31.50
C ALA B 394 4.17 -11.15 -32.07
N ASP B 395 3.92 -11.31 -33.37
CA ASP B 395 4.44 -12.42 -34.21
C ASP B 395 3.94 -13.75 -33.65
N GLY B 396 2.63 -13.87 -33.43
CA GLY B 396 1.96 -15.13 -33.04
C GLY B 396 2.49 -15.70 -31.74
N GLY B 397 2.99 -14.88 -30.83
CA GLY B 397 3.49 -15.33 -29.52
C GLY B 397 4.91 -15.85 -29.57
N ARG B 398 5.73 -15.33 -30.48
CA ARG B 398 7.18 -15.64 -30.64
C ARG B 398 7.90 -15.37 -29.31
N VAL B 399 7.53 -14.30 -28.61
CA VAL B 399 8.30 -13.87 -27.41
C VAL B 399 8.17 -14.93 -26.31
N TYR B 400 7.02 -15.59 -26.19
CA TYR B 400 6.82 -16.66 -25.18
C TYR B 400 7.70 -17.86 -25.57
N GLN B 401 7.76 -18.13 -26.88
CA GLN B 401 8.65 -19.16 -27.48
C GLN B 401 10.11 -18.87 -27.09
N ARG B 402 10.54 -17.61 -27.26
CA ARG B 402 11.90 -17.15 -26.92
C ARG B 402 12.17 -17.36 -25.42
N VAL B 403 11.26 -16.94 -24.56
CA VAL B 403 11.40 -17.08 -23.09
C VAL B 403 11.61 -18.56 -22.80
N ARG B 404 10.80 -19.44 -23.40
CA ARG B 404 10.85 -20.90 -23.11
C ARG B 404 12.20 -21.46 -23.57
N GLU B 405 12.72 -21.02 -24.72
CA GLU B 405 14.00 -21.52 -25.30
C GLU B 405 15.17 -21.00 -24.44
N ARG B 406 15.18 -19.71 -24.14
CA ARG B 406 16.23 -19.08 -23.28
C ARG B 406 16.20 -19.73 -21.89
N GLY B 407 15.00 -19.91 -21.33
CA GLY B 407 14.80 -20.56 -20.03
C GLY B 407 15.41 -21.95 -20.00
N GLN B 408 15.09 -22.78 -21.00
CA GLN B 408 15.62 -24.17 -21.11
C GLN B 408 17.16 -24.15 -21.16
N ARG B 409 17.75 -23.24 -21.94
CA ARG B 409 19.23 -23.11 -21.99
C ARG B 409 19.77 -22.71 -20.61
N LEU B 410 19.18 -21.70 -19.96
CA LEU B 410 19.67 -21.20 -18.64
C LEU B 410 19.52 -22.31 -17.58
N GLU B 411 18.39 -23.01 -17.58
CA GLU B 411 18.09 -24.08 -16.60
C GLU B 411 19.09 -25.25 -16.78
N ALA B 412 19.35 -25.63 -18.03
CA ALA B 412 20.28 -26.76 -18.34
C ALA B 412 21.65 -26.40 -17.76
N MET B 413 22.10 -25.15 -17.96
CA MET B 413 23.40 -24.67 -17.43
C MET B 413 23.41 -24.80 -15.90
N LEU B 414 22.35 -24.34 -15.25
CA LEU B 414 22.24 -24.33 -13.76
C LEU B 414 22.21 -25.78 -13.27
N GLU B 415 21.54 -26.67 -14.00
CA GLU B 415 21.43 -28.11 -13.64
C GLU B 415 22.82 -28.77 -13.74
N SER B 416 23.59 -28.41 -14.77
CA SER B 416 24.96 -28.93 -14.99
C SER B 416 25.92 -28.40 -13.89
N VAL B 417 25.76 -27.16 -13.43
CA VAL B 417 26.55 -26.61 -12.29
C VAL B 417 26.14 -27.35 -11.01
N ARG B 418 24.84 -27.54 -10.79
CA ARG B 418 24.34 -28.29 -9.60
C ARG B 418 25.00 -29.67 -9.55
N ALA B 419 24.99 -30.39 -10.69
CA ALA B 419 25.50 -31.78 -10.80
C ALA B 419 26.93 -31.86 -10.25
N ASP B 420 27.80 -30.94 -10.68
CA ASP B 420 29.26 -30.92 -10.36
C ASP B 420 29.51 -30.23 -9.01
N HIS B 421 28.50 -29.68 -8.33
CA HIS B 421 28.68 -28.87 -7.10
C HIS B 421 27.56 -29.15 -6.09
N SER B 422 27.07 -30.39 -6.06
CA SER B 422 26.00 -30.90 -5.16
C SER B 422 26.42 -30.82 -3.70
N ASP B 423 27.72 -30.67 -3.40
CA ASP B 423 28.19 -30.49 -2.00
C ASP B 423 27.75 -29.13 -1.45
N VAL B 424 27.51 -28.11 -2.29
CA VAL B 424 27.14 -26.75 -1.80
C VAL B 424 25.83 -26.22 -2.42
N VAL B 425 25.38 -26.81 -3.53
CA VAL B 425 24.11 -26.48 -4.24
C VAL B 425 23.17 -27.68 -4.10
N SER B 426 21.98 -27.50 -3.52
CA SER B 426 21.04 -28.60 -3.18
C SER B 426 20.04 -28.84 -4.31
N ALA B 427 19.70 -27.84 -5.14
CA ALA B 427 18.61 -27.98 -6.14
C ALA B 427 18.56 -26.80 -7.10
N VAL B 428 17.92 -27.02 -8.25
CA VAL B 428 17.45 -25.96 -9.19
C VAL B 428 15.92 -25.88 -9.05
N TRP B 429 15.37 -24.66 -8.96
CA TRP B 429 13.92 -24.43 -8.90
C TRP B 429 13.50 -23.41 -9.97
N GLY B 430 12.22 -23.42 -10.33
CA GLY B 430 11.60 -22.37 -11.15
C GLY B 430 11.26 -22.89 -12.52
N THR B 431 10.87 -21.99 -13.40
CA THR B 431 10.47 -22.32 -14.78
C THR B 431 10.65 -21.07 -15.62
N GLY B 432 10.68 -21.24 -16.94
CA GLY B 432 10.99 -20.18 -17.91
C GLY B 432 12.28 -19.48 -17.50
N LEU B 433 12.24 -18.15 -17.46
CA LEU B 433 13.37 -17.28 -17.05
C LEU B 433 13.15 -16.76 -15.62
N MET B 434 12.56 -17.59 -14.76
CA MET B 434 12.39 -17.34 -13.31
C MET B 434 12.96 -18.54 -12.55
N LEU B 435 14.28 -18.54 -12.36
CA LEU B 435 15.05 -19.73 -11.88
C LEU B 435 15.85 -19.36 -10.63
N ALA B 436 16.21 -20.37 -9.84
CA ALA B 436 17.05 -20.19 -8.65
C ALA B 436 17.88 -21.45 -8.38
N LEU B 437 19.04 -21.26 -7.76
CA LEU B 437 19.83 -22.33 -7.12
C LEU B 437 19.56 -22.26 -5.63
N GLU B 438 19.25 -23.40 -5.02
CA GLU B 438 19.23 -23.48 -3.54
C GLU B 438 20.65 -23.80 -3.07
N LEU B 439 21.17 -23.04 -2.12
CA LEU B 439 22.46 -23.25 -1.43
C LEU B 439 22.21 -24.16 -0.22
N ARG B 440 23.11 -25.09 0.07
CA ARG B 440 23.07 -25.82 1.38
C ARG B 440 23.50 -24.86 2.49
N ASP B 441 23.00 -25.09 3.70
CA ASP B 441 23.27 -24.24 4.89
C ASP B 441 24.78 -24.28 5.17
N GLN B 442 25.36 -23.14 5.56
CA GLN B 442 26.82 -22.99 5.83
C GLN B 442 27.03 -22.53 7.28
N SER B 443 26.04 -22.73 8.16
CA SER B 443 26.13 -22.45 9.63
C SER B 443 27.23 -23.31 10.30
N ASN B 444 27.60 -24.45 9.71
CA ASN B 444 28.69 -25.32 10.20
C ASN B 444 29.99 -25.12 9.41
N ALA B 445 30.15 -24.03 8.65
CA ALA B 445 31.32 -23.85 7.77
C ALA B 445 32.61 -23.86 8.60
N THR B 446 33.65 -24.50 8.08
CA THR B 446 35.01 -24.55 8.70
C THR B 446 35.63 -23.15 8.68
N SER B 447 35.50 -22.39 7.58
CA SER B 447 35.97 -20.98 7.49
C SER B 447 35.16 -20.10 8.43
N GLN B 448 35.81 -19.45 9.39
CA GLN B 448 35.14 -18.61 10.41
C GLN B 448 34.39 -17.46 9.72
N ALA B 449 35.00 -16.81 8.73
CA ALA B 449 34.39 -15.67 8.00
C ALA B 449 33.10 -16.12 7.31
N ILE B 450 33.06 -17.30 6.69
CA ILE B 450 31.84 -17.86 6.05
C ILE B 450 30.81 -18.19 7.12
N ARG B 451 31.20 -18.88 8.19
CA ARG B 451 30.31 -19.32 9.31
C ARG B 451 29.61 -18.10 9.93
N GLU B 452 30.33 -17.01 10.15
CA GLU B 452 29.78 -15.79 10.79
C GLU B 452 28.72 -15.16 9.86
N LYS B 453 29.01 -15.05 8.57
CA LYS B 453 28.06 -14.49 7.57
C LYS B 453 26.82 -15.39 7.50
N ALA B 454 26.99 -16.71 7.52
CA ALA B 454 25.85 -17.67 7.49
C ALA B 454 25.02 -17.51 8.76
N ALA B 455 25.65 -17.31 9.92
CA ALA B 455 24.93 -17.18 11.21
C ALA B 455 24.02 -15.95 11.16
N HIS B 456 24.40 -14.89 10.43
CA HIS B 456 23.64 -13.63 10.30
C HIS B 456 22.65 -13.73 9.11
N GLY B 457 22.64 -14.86 8.39
CA GLY B 457 21.72 -15.13 7.27
C GLY B 457 22.13 -14.46 5.96
N PHE B 458 23.42 -14.12 5.79
CA PHE B 458 23.90 -13.27 4.67
C PHE B 458 24.75 -14.03 3.65
N LEU B 459 24.81 -15.36 3.69
CA LEU B 459 25.65 -16.17 2.77
C LEU B 459 25.38 -15.79 1.31
N GLY B 460 24.11 -15.78 0.90
CA GLY B 460 23.74 -15.50 -0.51
C GLY B 460 24.24 -14.15 -0.97
N TYR B 461 24.18 -13.14 -0.09
CA TYR B 461 24.66 -11.77 -0.42
C TYR B 461 26.19 -11.75 -0.59
N VAL B 462 26.92 -12.47 0.25
CA VAL B 462 28.42 -12.60 0.18
C VAL B 462 28.81 -13.27 -1.13
N LEU B 463 28.14 -14.37 -1.48
CA LEU B 463 28.35 -15.08 -2.77
C LEU B 463 28.09 -14.13 -3.94
N ALA B 464 27.01 -13.34 -3.88
CA ALA B 464 26.65 -12.35 -4.92
C ALA B 464 27.79 -11.31 -5.05
N GLY B 465 28.35 -10.86 -3.94
CA GLY B 465 29.52 -9.95 -3.92
C GLY B 465 30.72 -10.54 -4.68
N PHE B 466 31.01 -11.82 -4.50
CA PHE B 466 32.11 -12.52 -5.19
C PHE B 466 31.83 -12.48 -6.69
N LEU B 467 30.61 -12.80 -7.10
CA LEU B 467 30.22 -12.84 -8.53
C LEU B 467 30.39 -11.46 -9.18
N LEU B 468 30.06 -10.37 -8.46
CA LEU B 468 30.25 -8.98 -8.93
C LEU B 468 31.74 -8.67 -9.10
N ARG B 469 32.50 -8.80 -8.01
CA ARG B 469 33.94 -8.43 -7.82
C ARG B 469 34.78 -9.19 -8.85
N GLU B 470 34.59 -10.50 -8.96
CA GLU B 470 35.49 -11.42 -9.70
C GLU B 470 35.02 -11.69 -11.11
N HIS B 471 33.73 -11.59 -11.41
CA HIS B 471 33.15 -12.05 -12.68
C HIS B 471 32.27 -10.98 -13.33
N HIS B 472 32.09 -9.81 -12.71
CA HIS B 472 31.26 -8.69 -13.23
C HIS B 472 29.86 -9.23 -13.61
N ILE B 473 29.27 -10.02 -12.72
CA ILE B 473 27.89 -10.59 -12.85
C ILE B 473 27.07 -10.12 -11.63
N ARG B 474 25.91 -9.54 -11.88
CA ARG B 474 24.98 -9.07 -10.82
C ARG B 474 23.95 -10.18 -10.58
N VAL B 475 24.03 -10.80 -9.41
CA VAL B 475 23.05 -11.80 -8.91
C VAL B 475 22.54 -11.31 -7.56
N LEU B 476 21.27 -11.54 -7.26
CA LEU B 476 20.72 -11.25 -5.91
C LEU B 476 20.02 -12.49 -5.38
N PRO B 477 20.17 -12.73 -4.06
CA PRO B 477 19.61 -13.92 -3.46
C PRO B 477 18.14 -13.71 -3.09
N ALA B 478 17.50 -14.78 -2.66
CA ALA B 478 16.12 -14.77 -2.14
C ALA B 478 16.02 -15.77 -1.00
N GLY B 479 14.94 -15.67 -0.23
CA GLY B 479 14.46 -16.76 0.65
C GLY B 479 15.08 -16.62 2.03
N PRO B 480 14.69 -17.49 2.98
CA PRO B 480 15.25 -17.44 4.32
C PRO B 480 16.77 -17.64 4.23
N ARG B 481 17.50 -16.86 5.03
CA ARG B 481 18.95 -16.90 5.22
C ARG B 481 19.65 -16.72 3.87
N SER B 482 19.11 -15.90 2.96
CA SER B 482 19.64 -15.69 1.58
C SER B 482 20.14 -17.03 1.01
N GLY B 483 19.34 -18.10 1.17
CA GLY B 483 19.66 -19.50 0.84
C GLY B 483 19.42 -19.86 -0.62
N PHE B 484 18.97 -18.94 -1.46
CA PHE B 484 18.84 -19.14 -2.94
C PHE B 484 19.54 -18.03 -3.72
N LEU B 485 20.07 -18.36 -4.89
CA LEU B 485 20.52 -17.37 -5.91
C LEU B 485 19.49 -17.32 -7.04
N ARG B 486 18.97 -16.13 -7.33
CA ARG B 486 17.96 -15.89 -8.39
C ARG B 486 18.67 -15.69 -9.75
N PHE B 487 18.08 -16.22 -10.81
CA PHE B 487 18.44 -15.95 -12.22
C PHE B 487 17.16 -15.59 -12.98
N SER B 488 17.02 -14.32 -13.32
CA SER B 488 15.81 -13.76 -13.98
C SER B 488 16.21 -12.66 -14.95
N PRO B 489 17.05 -12.98 -15.97
CA PRO B 489 17.46 -12.01 -16.99
C PRO B 489 16.36 -11.79 -18.03
N SER B 490 16.58 -10.83 -18.94
CA SER B 490 15.70 -10.55 -20.10
C SER B 490 15.76 -11.74 -21.08
N LEU B 491 14.80 -11.78 -22.00
CA LEU B 491 14.71 -12.84 -23.04
C LEU B 491 15.83 -12.67 -24.07
N TYR B 492 16.61 -11.57 -23.99
CA TYR B 492 17.74 -11.29 -24.91
C TYR B 492 19.06 -11.87 -24.39
N ILE B 493 19.06 -12.52 -23.24
CA ILE B 493 20.30 -13.12 -22.65
C ILE B 493 20.93 -14.03 -23.72
N THR B 494 22.23 -13.84 -24.01
CA THR B 494 22.96 -14.56 -25.07
C THR B 494 23.60 -15.84 -24.51
N ASP B 495 23.87 -16.79 -25.41
CA ASP B 495 24.59 -18.06 -25.13
C ASP B 495 25.91 -17.74 -24.42
N GLU B 496 26.64 -16.73 -24.89
CA GLU B 496 27.95 -16.37 -24.31
C GLU B 496 27.71 -15.82 -22.90
N GLU B 497 26.63 -15.07 -22.68
CA GLU B 497 26.31 -14.52 -21.33
C GLU B 497 26.01 -15.69 -20.38
N ILE B 498 25.30 -16.72 -20.85
CA ILE B 498 25.03 -17.95 -20.06
C ILE B 498 26.34 -18.72 -19.82
N ASP B 499 27.27 -18.74 -20.77
CA ASP B 499 28.61 -19.41 -20.61
C ASP B 499 29.44 -18.67 -19.56
N ARG B 500 29.54 -17.34 -19.63
CA ARG B 500 30.25 -16.52 -18.60
C ARG B 500 29.65 -16.78 -17.21
N THR B 501 28.33 -16.92 -17.12
CA THR B 501 27.62 -17.17 -15.85
C THR B 501 28.05 -18.55 -15.34
N GLU B 502 28.04 -19.57 -16.20
CA GLU B 502 28.49 -20.94 -15.85
C GLU B 502 29.90 -20.89 -15.26
N THR B 503 30.82 -20.24 -15.98
CA THR B 503 32.24 -20.06 -15.54
C THR B 503 32.27 -19.41 -14.17
N ALA B 504 31.50 -18.32 -13.99
CA ALA B 504 31.43 -17.56 -12.73
C ALA B 504 30.92 -18.46 -11.60
N LEU B 505 29.93 -19.34 -11.85
CA LEU B 505 29.33 -20.18 -10.77
C LEU B 505 30.28 -21.31 -10.39
N ARG B 506 30.96 -21.92 -11.38
CA ARG B 506 31.91 -23.02 -11.10
C ARG B 506 33.04 -22.45 -10.21
N SER B 507 33.52 -21.26 -10.54
CA SER B 507 34.55 -20.50 -9.79
C SER B 507 34.05 -20.24 -8.37
N LEU B 508 32.83 -19.69 -8.24
CA LEU B 508 32.17 -19.40 -6.93
C LEU B 508 32.07 -20.68 -6.09
N PHE B 509 31.54 -21.77 -6.64
CA PHE B 509 31.21 -22.97 -5.85
C PHE B 509 32.49 -23.76 -5.56
N THR B 510 33.52 -23.64 -6.38
CA THR B 510 34.87 -24.19 -6.05
C THR B 510 35.41 -23.48 -4.81
N ALA B 511 35.37 -22.14 -4.78
CA ALA B 511 35.85 -21.34 -3.64
C ALA B 511 35.06 -21.72 -2.38
N LEU B 512 33.75 -21.94 -2.50
CA LEU B 512 32.88 -22.31 -1.33
C LEU B 512 33.20 -23.75 -0.89
N ARG B 513 33.29 -24.68 -1.83
CA ARG B 513 33.82 -26.05 -1.57
C ARG B 513 35.13 -25.96 -0.77
N ASP B 514 36.07 -25.11 -1.21
CA ASP B 514 37.43 -25.00 -0.61
C ASP B 514 37.41 -24.18 0.68
N GLN B 515 36.24 -23.72 1.13
CA GLN B 515 36.03 -22.90 2.34
C GLN B 515 37.01 -21.71 2.38
N ASP B 516 37.17 -21.05 1.23
CA ASP B 516 38.08 -19.91 1.02
C ASP B 516 37.39 -18.61 1.48
N GLY B 517 37.29 -18.42 2.80
CA GLY B 517 36.67 -17.26 3.42
C GLY B 517 37.39 -15.97 3.09
N ASP B 518 38.72 -16.03 2.96
CA ASP B 518 39.58 -14.87 2.62
C ASP B 518 39.16 -14.34 1.25
N ARG B 519 38.88 -15.23 0.30
CA ARG B 519 38.51 -14.82 -1.09
C ARG B 519 37.04 -14.40 -1.17
N LEU B 520 36.13 -15.02 -0.40
CA LEU B 520 34.66 -14.86 -0.57
C LEU B 520 34.15 -13.68 0.29
N VAL B 521 34.74 -13.47 1.47
CA VAL B 521 34.27 -12.46 2.47
C VAL B 521 35.30 -11.31 2.55
N LEU B 522 34.86 -10.08 2.32
CA LEU B 522 35.69 -8.85 2.45
C LEU B 522 36.05 -8.65 3.92
N SER B 523 37.34 -8.41 4.19
CA SER B 523 37.88 -7.92 5.48
C SER B 523 37.78 -6.39 5.48
C1 GOL C . -5.45 12.41 26.78
O1 GOL C . -5.78 13.76 27.05
C2 GOL C . -4.23 11.92 27.53
O2 GOL C . -3.81 12.89 28.48
C3 GOL C . -4.47 10.59 28.21
O3 GOL C . -3.25 9.93 28.52
CL CL D . 3.13 14.24 -9.10
CL CL E . -5.85 9.65 -24.16
CL CL F . 18.54 18.19 -11.64
S SO4 G . 5.60 -4.96 -4.50
O1 SO4 G . 4.52 -4.01 -4.32
O2 SO4 G . 6.65 -4.34 -5.24
O3 SO4 G . 6.10 -5.40 -3.21
O4 SO4 G . 5.13 -6.11 -5.22
S SO4 H . -1.40 9.22 -4.20
O1 SO4 H . -2.05 8.54 -5.29
O2 SO4 H . -0.59 10.30 -4.72
O3 SO4 H . -2.39 9.75 -3.29
O4 SO4 H . -0.56 8.27 -3.51
C1 GOL I . -10.81 -13.61 13.60
O1 GOL I . -9.70 -13.18 12.83
C2 GOL I . -10.58 -15.01 14.14
O2 GOL I . -11.26 -15.14 15.39
C3 GOL I . -11.02 -16.10 13.21
O3 GOL I . -11.56 -17.22 13.94
CL CL J . 7.73 -2.96 -15.03
#